data_3QHW
#
_entry.id   3QHW
#
_cell.length_a   71.025
_cell.length_b   163.450
_cell.length_c   73.390
_cell.angle_alpha   90.00
_cell.angle_beta   107.08
_cell.angle_gamma   90.00
#
_symmetry.space_group_name_H-M   'P 1 21 1'
#
loop_
_entity.id
_entity.type
_entity.pdbx_description
1 polymer 'Cell division protein kinase 2'
2 polymer Cyclin-A2
3 polymer 'CDK2 substrate peptide: PKTPKKAKKL'
4 non-polymer "ADENOSINE-5'-DIPHOSPHATE"
5 non-polymer 'MAGNESIUM ION'
6 non-polymer TRIFLUOROMAGNESATE
7 non-polymer 'CHLORIDE ION'
8 non-polymer (2R,3S)-1,4-DIMERCAPTOBUTANE-2,3-DIOL
9 water water
#
loop_
_entity_poly.entity_id
_entity_poly.type
_entity_poly.pdbx_seq_one_letter_code
_entity_poly.pdbx_strand_id
1 'polypeptide(L)'
;GHMENFQKVEKIGEGTYGVVYKARNKLTGEVVALKKIRLDTETEGVPSTAIREISLLKELNHPNIVKLLDVIHTENKLYL
VFEFLHQDLKKFMDASALTGIPLPLIKSYLFQLLQGLAFCHSHRVLHRDLKPQNLLINTEGAIKLADFGLARAFGVPVRT
Y(TPO)HEVVTLWYRAPEILLGCKYYSTAVDIWSLGCIFAEMVTRRALFPGDSEIDQLFRIFRTLGTPDEVVWPGVTSMP
DYKPSFPKWARQDFSKVVPPLDEDGRSLLSQMLHYDPNKRISAKAALAHPFFQDVTKPVPHL
;
A,C
2 'polypeptide(L)'
;SNEVPDYQEDIHTYLREMEVKCKPKVGYMKRQPDITNSMRAILVDWLVEVGEEYKLQNETLHLAVNYIDRFLSSMSVLRG
KLQLVGTAAMLLASKFEEIYPPEVAEFVYITDDTYSKKQVLRMEHLVLKVLAFDLAAPTVNQFLTQYFLHLQPANCKVES
LAMFLGELSLIDADPYLKYLPSLIAGAAFHLALYTVTGQSWPESLAQQTGYTLESLKPCLVDLHQTYLKAPQHAQQSIRE
KYKHSKYHSVSLLNPPETLSV
;
B,D
3 'polypeptide(L)' PKTPKKAKKL J,K,L,M
#
# COMPACT_ATOMS: atom_id res chain seq x y z
N GLY A 1 -0.79 5.18 -15.42
CA GLY A 1 -1.62 6.28 -14.92
C GLY A 1 -3.12 6.01 -14.83
N HIS A 2 -3.92 7.02 -15.21
CA HIS A 2 -5.38 6.92 -15.23
C HIS A 2 -5.87 7.03 -16.68
N MET A 3 -7.18 6.95 -16.88
CA MET A 3 -7.76 6.77 -18.22
C MET A 3 -7.33 7.77 -19.31
N GLU A 4 -7.19 9.04 -18.94
CA GLU A 4 -6.77 10.04 -19.91
C GLU A 4 -5.32 9.83 -20.34
N ASN A 5 -4.59 9.01 -19.59
CA ASN A 5 -3.17 8.77 -19.88
C ASN A 5 -2.93 7.58 -20.79
N PHE A 6 -4.00 6.93 -21.24
CA PHE A 6 -3.85 5.84 -22.19
C PHE A 6 -4.34 6.23 -23.57
N GLN A 7 -3.50 5.98 -24.56
CA GLN A 7 -3.87 6.15 -25.96
C GLN A 7 -4.22 4.79 -26.54
N LYS A 8 -5.46 4.63 -27.01
CA LYS A 8 -5.88 3.36 -27.60
C LYS A 8 -5.28 3.19 -28.99
N VAL A 9 -4.65 2.04 -29.21
CA VAL A 9 -3.95 1.77 -30.45
C VAL A 9 -4.83 0.93 -31.37
N GLU A 10 -5.22 -0.26 -30.91
CA GLU A 10 -6.15 -1.09 -31.67
C GLU A 10 -6.95 -2.04 -30.79
N LYS A 11 -8.10 -2.47 -31.29
CA LYS A 11 -8.87 -3.51 -30.61
C LYS A 11 -8.22 -4.83 -30.97
N ILE A 12 -7.68 -5.54 -29.98
CA ILE A 12 -7.00 -6.81 -30.25
C ILE A 12 -7.82 -8.04 -29.90
N GLY A 13 -8.98 -7.82 -29.33
CA GLY A 13 -9.67 -8.93 -28.77
C GLY A 13 -11.03 -8.62 -28.20
N GLU A 14 -11.77 -9.71 -28.05
CA GLU A 14 -13.06 -9.76 -27.43
C GLU A 14 -13.21 -11.21 -27.02
N GLY A 15 -14.12 -11.47 -26.11
CA GLY A 15 -14.45 -12.81 -25.70
C GLY A 15 -15.77 -12.73 -24.96
N THR A 16 -16.27 -13.87 -24.50
CA THR A 16 -17.55 -13.88 -23.82
C THR A 16 -17.61 -12.77 -22.77
N TYR A 17 -16.55 -12.63 -21.98
CA TYR A 17 -16.48 -11.65 -20.89
C TYR A 17 -16.01 -10.19 -21.11
N GLY A 18 -15.06 -9.95 -22.01
CA GLY A 18 -14.49 -8.61 -22.09
C GLY A 18 -14.00 -8.08 -23.43
N VAL A 19 -13.81 -6.75 -23.49
CA VAL A 19 -13.34 -6.03 -24.67
C VAL A 19 -11.91 -5.49 -24.47
N VAL A 20 -10.99 -5.90 -25.34
CA VAL A 20 -9.57 -5.67 -25.10
C VAL A 20 -8.92 -4.78 -26.16
N TYR A 21 -8.24 -3.73 -25.69
CA TYR A 21 -7.48 -2.86 -26.58
C TYR A 21 -5.99 -2.95 -26.31
N LYS A 22 -5.21 -2.83 -27.38
CA LYS A 22 -3.81 -2.50 -27.25
C LYS A 22 -3.76 -1.00 -27.04
N ALA A 23 -3.00 -0.56 -26.05
CA ALA A 23 -2.99 0.86 -25.75
C ALA A 23 -1.59 1.25 -25.28
N ARG A 24 -1.31 2.54 -25.30
CA ARG A 24 -0.03 3.01 -24.78
C ARG A 24 -0.20 4.10 -23.73
N ASN A 25 0.64 4.03 -22.71
CA ASN A 25 0.67 5.04 -21.68
C ASN A 25 1.32 6.27 -22.29
N LYS A 26 0.58 7.38 -22.33
CA LYS A 26 1.06 8.57 -23.01
C LYS A 26 2.24 9.22 -22.29
N LEU A 27 2.32 9.01 -20.98
CA LEU A 27 3.40 9.55 -20.20
C LEU A 27 4.71 8.74 -20.21
N THR A 28 4.62 7.43 -20.01
CA THR A 28 5.82 6.59 -19.91
C THR A 28 6.18 5.80 -21.19
N GLY A 29 5.27 5.80 -22.16
CA GLY A 29 5.44 5.00 -23.37
C GLY A 29 5.08 3.53 -23.29
N GLU A 30 4.79 3.02 -22.09
CA GLU A 30 4.56 1.60 -21.91
C GLU A 30 3.35 1.10 -22.72
N VAL A 31 3.54 0.01 -23.48
CA VAL A 31 2.44 -0.58 -24.23
C VAL A 31 1.71 -1.58 -23.34
N VAL A 32 0.37 -1.52 -23.34
CA VAL A 32 -0.40 -2.39 -22.45
C VAL A 32 -1.58 -3.02 -23.19
N ALA A 33 -2.22 -4.00 -22.57
CA ALA A 33 -3.53 -4.45 -23.04
C ALA A 33 -4.57 -3.97 -22.03
N LEU A 34 -5.60 -3.30 -22.52
CA LEU A 34 -6.65 -2.81 -21.66
C LEU A 34 -7.88 -3.70 -21.86
N LYS A 35 -8.31 -4.36 -20.79
CA LYS A 35 -9.51 -5.17 -20.83
C LYS A 35 -10.60 -4.33 -20.17
N LYS A 36 -11.59 -3.93 -20.98
CA LYS A 36 -12.62 -3.02 -20.49
C LYS A 36 -13.86 -3.79 -20.09
N ILE A 37 -14.35 -3.53 -18.87
CA ILE A 37 -15.55 -4.20 -18.39
C ILE A 37 -16.65 -3.19 -18.06
N ARG A 38 -17.83 -3.43 -18.61
CA ARG A 38 -18.92 -2.46 -18.54
C ARG A 38 -19.80 -2.69 -17.30
N LEU A 39 -19.76 -1.74 -16.37
CA LEU A 39 -20.62 -1.77 -15.19
C LEU A 39 -22.01 -1.23 -15.48
N ASP A 40 -22.10 -0.28 -16.40
CA ASP A 40 -23.38 0.35 -16.73
C ASP A 40 -24.40 -0.68 -17.22
N THR A 41 -23.97 -1.57 -18.11
CA THR A 41 -24.81 -2.68 -18.53
C THR A 41 -25.10 -3.56 -17.33
N GLU A 42 -24.32 -3.33 -16.27
CA GLU A 42 -24.40 -4.10 -15.04
C GLU A 42 -25.16 -3.35 -13.94
N THR A 43 -26.39 -3.77 -13.68
CA THR A 43 -27.15 -3.24 -12.55
C THR A 43 -27.01 -4.19 -11.38
N GLU A 44 -25.99 -5.04 -11.44
CA GLU A 44 -25.69 -5.97 -10.38
C GLU A 44 -24.32 -5.66 -9.81
N GLY A 45 -23.78 -4.51 -10.18
CA GLY A 45 -22.50 -4.07 -9.68
C GLY A 45 -21.34 -4.72 -10.42
N VAL A 46 -20.22 -4.93 -9.74
CA VAL A 46 -19.06 -5.57 -10.37
C VAL A 46 -19.31 -7.07 -10.62
N PRO A 47 -19.10 -7.53 -11.86
CA PRO A 47 -19.31 -8.95 -12.20
C PRO A 47 -18.43 -9.91 -11.40
N SER A 48 -19.01 -11.02 -10.97
CA SER A 48 -18.29 -12.08 -10.28
C SER A 48 -17.02 -12.49 -11.06
N THR A 49 -17.14 -12.62 -12.37
CA THR A 49 -15.97 -12.97 -13.19
C THR A 49 -14.80 -12.00 -12.99
N ALA A 50 -15.08 -10.69 -12.96
CA ALA A 50 -14.02 -9.67 -12.76
C ALA A 50 -13.42 -9.71 -11.36
N ILE A 51 -14.28 -9.89 -10.35
CA ILE A 51 -13.84 -9.99 -8.97
C ILE A 51 -12.87 -11.15 -8.79
N ARG A 52 -13.20 -12.31 -9.37
CA ARG A 52 -12.34 -13.47 -9.25
C ARG A 52 -11.05 -13.25 -10.03
N GLU A 53 -11.19 -12.78 -11.26
CA GLU A 53 -10.05 -12.53 -12.15
C GLU A 53 -9.02 -11.61 -11.47
N ILE A 54 -9.49 -10.49 -10.94
CA ILE A 54 -8.59 -9.57 -10.28
C ILE A 54 -7.96 -10.13 -9.00
N SER A 55 -8.80 -10.61 -8.08
CA SER A 55 -8.29 -11.11 -6.80
C SER A 55 -7.27 -12.22 -7.01
N LEU A 56 -7.55 -13.12 -7.95
CA LEU A 56 -6.65 -14.26 -8.17
C LEU A 56 -5.40 -13.87 -8.96
N LEU A 57 -5.56 -13.03 -9.98
CA LEU A 57 -4.35 -12.58 -10.70
C LEU A 57 -3.37 -11.87 -9.76
N LYS A 58 -3.90 -11.11 -8.81
CA LYS A 58 -3.03 -10.40 -7.89
C LYS A 58 -2.23 -11.36 -7.02
N GLU A 59 -2.74 -12.56 -6.79
CA GLU A 59 -1.99 -13.52 -5.99
C GLU A 59 -0.99 -14.33 -6.82
N LEU A 60 -1.13 -14.29 -8.14
CA LEU A 60 -0.32 -15.17 -8.95
C LEU A 60 0.77 -14.38 -9.67
N ASN A 61 1.97 -14.45 -9.10
CA ASN A 61 3.12 -13.76 -9.66
C ASN A 61 4.07 -14.86 -10.13
N HIS A 62 4.11 -15.08 -11.44
CA HIS A 62 4.91 -16.15 -12.03
C HIS A 62 5.28 -15.71 -13.45
N PRO A 63 6.46 -16.12 -13.93
CA PRO A 63 6.92 -15.80 -15.30
C PRO A 63 5.96 -16.27 -16.40
N ASN A 64 5.25 -17.36 -16.14
CA ASN A 64 4.30 -17.93 -17.11
C ASN A 64 2.80 -17.57 -16.91
N ILE A 65 2.55 -16.55 -16.09
CA ILE A 65 1.18 -16.06 -15.92
C ILE A 65 1.17 -14.57 -16.25
N VAL A 66 0.22 -14.15 -17.09
CA VAL A 66 0.15 -12.77 -17.51
C VAL A 66 0.11 -11.80 -16.32
N LYS A 67 0.83 -10.68 -16.39
CA LYS A 67 0.86 -9.73 -15.26
C LYS A 67 -0.24 -8.68 -15.37
N LEU A 68 -0.99 -8.52 -14.28
CA LEU A 68 -1.95 -7.43 -14.12
C LEU A 68 -1.19 -6.24 -13.55
N LEU A 69 -1.16 -5.15 -14.30
CA LEU A 69 -0.44 -3.96 -13.91
C LEU A 69 -1.23 -2.99 -13.03
N ASP A 70 -2.53 -2.88 -13.31
CA ASP A 70 -3.36 -1.88 -12.66
C ASP A 70 -4.83 -2.25 -12.83
N VAL A 71 -5.66 -1.64 -11.99
CA VAL A 71 -7.11 -1.78 -12.12
C VAL A 71 -7.68 -0.39 -11.95
N ILE A 72 -8.45 0.05 -12.94
CA ILE A 72 -9.08 1.35 -12.84
C ILE A 72 -10.59 1.14 -12.71
N HIS A 73 -11.11 1.50 -11.55
CA HIS A 73 -12.50 1.22 -11.22
C HIS A 73 -13.23 2.54 -11.07
N THR A 74 -14.09 2.85 -12.04
CA THR A 74 -14.91 4.05 -11.94
C THR A 74 -16.33 3.60 -11.62
N GLU A 75 -17.26 4.53 -11.51
CA GLU A 75 -18.64 4.16 -11.22
C GLU A 75 -19.20 3.39 -12.42
N ASN A 76 -18.94 3.90 -13.62
CA ASN A 76 -19.44 3.29 -14.85
C ASN A 76 -18.59 2.16 -15.44
N LYS A 77 -17.30 2.12 -15.13
CA LYS A 77 -16.40 1.25 -15.87
C LYS A 77 -15.30 0.60 -15.04
N LEU A 78 -14.87 -0.58 -15.49
CA LEU A 78 -13.79 -1.30 -14.85
C LEU A 78 -12.76 -1.66 -15.91
N TYR A 79 -11.55 -1.11 -15.79
CA TYR A 79 -10.45 -1.48 -16.66
C TYR A 79 -9.39 -2.30 -15.94
N LEU A 80 -9.07 -3.46 -16.50
CA LEU A 80 -7.88 -4.20 -16.08
C LEU A 80 -6.74 -3.87 -17.05
N VAL A 81 -5.59 -3.48 -16.52
CA VAL A 81 -4.43 -3.13 -17.34
C VAL A 81 -3.41 -4.25 -17.23
N PHE A 82 -3.09 -4.89 -18.36
CA PHE A 82 -2.18 -6.03 -18.40
C PHE A 82 -0.93 -5.67 -19.17
N GLU A 83 0.15 -6.40 -18.93
CA GLU A 83 1.31 -6.31 -19.80
C GLU A 83 0.83 -6.76 -21.19
N PHE A 84 1.41 -6.18 -22.22
CA PHE A 84 1.06 -6.52 -23.59
C PHE A 84 2.01 -7.60 -24.12
N LEU A 85 1.44 -8.66 -24.70
CA LEU A 85 2.25 -9.68 -25.38
C LEU A 85 1.87 -9.76 -26.84
N HIS A 86 2.83 -10.16 -27.66
CA HIS A 86 2.72 -10.10 -29.11
C HIS A 86 1.40 -10.68 -29.66
N GLN A 87 1.05 -11.88 -29.22
CA GLN A 87 -0.15 -12.52 -29.77
C GLN A 87 -0.52 -13.74 -28.95
N ASP A 88 -1.65 -14.35 -29.28
CA ASP A 88 -2.05 -15.53 -28.53
C ASP A 88 -1.61 -16.75 -29.32
N LEU A 89 -1.76 -17.93 -28.73
CA LEU A 89 -1.21 -19.12 -29.35
C LEU A 89 -2.08 -19.56 -30.51
N LYS A 90 -3.35 -19.18 -30.48
CA LYS A 90 -4.24 -19.51 -31.59
C LYS A 90 -3.74 -18.82 -32.85
N LYS A 91 -3.45 -17.53 -32.75
CA LYS A 91 -2.99 -16.80 -33.94
C LYS A 91 -1.64 -17.35 -34.41
N PHE A 92 -0.75 -17.69 -33.48
CA PHE A 92 0.50 -18.32 -33.86
C PHE A 92 0.29 -19.66 -34.61
N MET A 93 -0.56 -20.53 -34.07
CA MET A 93 -0.87 -21.81 -34.71
C MET A 93 -1.40 -21.58 -36.11
N ASP A 94 -2.35 -20.65 -36.24
CA ASP A 94 -2.90 -20.36 -37.57
C ASP A 94 -1.79 -19.94 -38.54
N ALA A 95 -0.88 -19.10 -38.08
CA ALA A 95 0.20 -18.64 -38.97
C ALA A 95 1.20 -19.77 -39.22
N SER A 96 1.21 -20.76 -38.34
CA SER A 96 2.11 -21.90 -38.47
C SER A 96 1.48 -23.13 -39.16
N ALA A 97 0.22 -22.99 -39.57
CA ALA A 97 -0.57 -24.14 -40.01
C ALA A 97 0.03 -24.90 -41.22
N LEU A 98 0.64 -24.15 -42.13
CA LEU A 98 1.24 -24.76 -43.32
C LEU A 98 2.58 -25.40 -42.98
N THR A 99 3.41 -24.68 -42.23
CA THR A 99 4.75 -25.12 -41.90
C THR A 99 4.86 -26.05 -40.70
N GLY A 100 4.06 -25.79 -39.67
CA GLY A 100 4.17 -26.51 -38.42
C GLY A 100 5.05 -25.78 -37.42
N ILE A 101 4.77 -25.94 -36.13
CA ILE A 101 5.61 -25.38 -35.07
C ILE A 101 6.78 -26.34 -34.80
N PRO A 102 8.02 -25.85 -34.85
CA PRO A 102 9.14 -26.78 -34.66
C PRO A 102 9.03 -27.53 -33.33
N LEU A 103 9.42 -28.80 -33.32
CA LEU A 103 9.27 -29.62 -32.12
C LEU A 103 9.89 -29.02 -30.85
N PRO A 104 11.08 -28.38 -30.98
CA PRO A 104 11.70 -27.82 -29.77
C PRO A 104 10.87 -26.70 -29.18
N LEU A 105 10.18 -25.94 -30.03
CA LEU A 105 9.30 -24.88 -29.56
C LEU A 105 8.03 -25.43 -28.93
N ILE A 106 7.51 -26.52 -29.47
CA ILE A 106 6.33 -27.14 -28.89
C ILE A 106 6.66 -27.63 -27.49
N LYS A 107 7.81 -28.27 -27.35
CA LYS A 107 8.23 -28.77 -26.05
C LYS A 107 8.45 -27.65 -25.05
N SER A 108 9.06 -26.56 -25.51
CA SER A 108 9.27 -25.38 -24.66
C SER A 108 7.96 -24.76 -24.18
N TYR A 109 7.03 -24.57 -25.10
CA TYR A 109 5.73 -23.99 -24.75
C TYR A 109 4.95 -24.88 -23.76
N LEU A 110 4.95 -26.18 -23.99
CA LEU A 110 4.24 -27.06 -23.07
C LEU A 110 4.88 -27.05 -21.69
N PHE A 111 6.20 -27.07 -21.64
CA PHE A 111 6.94 -27.01 -20.38
C PHE A 111 6.60 -25.73 -19.58
N GLN A 112 6.51 -24.63 -20.29
CA GLN A 112 6.21 -23.35 -19.64
C GLN A 112 4.76 -23.30 -19.19
N LEU A 113 3.87 -23.83 -20.01
CA LEU A 113 2.45 -23.88 -19.64
C LEU A 113 2.28 -24.71 -18.38
N LEU A 114 3.02 -25.82 -18.32
CA LEU A 114 2.94 -26.69 -17.13
C LEU A 114 3.49 -26.00 -15.89
N GLN A 115 4.53 -25.18 -16.05
CA GLN A 115 5.07 -24.44 -14.93
C GLN A 115 4.05 -23.43 -14.42
N GLY A 116 3.38 -22.73 -15.33
CA GLY A 116 2.40 -21.74 -14.94
C GLY A 116 1.23 -22.41 -14.24
N LEU A 117 0.81 -23.56 -14.78
CA LEU A 117 -0.37 -24.27 -14.28
C LEU A 117 -0.07 -24.87 -12.92
N ALA A 118 1.11 -25.47 -12.77
CA ALA A 118 1.50 -26.03 -11.49
C ALA A 118 1.48 -24.94 -10.41
N PHE A 119 1.92 -23.73 -10.78
CA PHE A 119 1.92 -22.62 -9.84
C PHE A 119 0.47 -22.28 -9.43
N CYS A 120 -0.43 -22.19 -10.41
CA CYS A 120 -1.85 -21.97 -10.14
C CYS A 120 -2.39 -23.00 -9.15
N HIS A 121 -2.21 -24.29 -9.47
CA HIS A 121 -2.72 -25.36 -8.62
C HIS A 121 -2.16 -25.35 -7.20
N SER A 122 -0.87 -25.01 -7.07
CA SER A 122 -0.19 -24.93 -5.78
C SER A 122 -0.67 -23.71 -4.97
N HIS A 123 -1.30 -22.78 -5.68
CA HIS A 123 -1.93 -21.61 -5.09
C HIS A 123 -3.47 -21.76 -4.98
N ARG A 124 -3.94 -23.01 -5.09
CA ARG A 124 -5.38 -23.36 -5.04
C ARG A 124 -6.24 -22.60 -6.01
N VAL A 125 -5.74 -22.44 -7.24
CA VAL A 125 -6.51 -21.81 -8.31
C VAL A 125 -6.71 -22.75 -9.49
N LEU A 126 -7.98 -22.97 -9.89
CA LEU A 126 -8.28 -23.67 -11.13
C LEU A 126 -8.48 -22.63 -12.19
N HIS A 127 -7.83 -22.78 -13.35
CA HIS A 127 -8.07 -21.86 -14.45
C HIS A 127 -9.42 -22.04 -15.15
N ARG A 128 -9.71 -23.27 -15.54
CA ARG A 128 -10.99 -23.66 -16.11
C ARG A 128 -11.34 -23.13 -17.50
N ASP A 129 -10.41 -22.44 -18.15
CA ASP A 129 -10.66 -21.98 -19.51
C ASP A 129 -9.43 -22.05 -20.39
N LEU A 130 -8.61 -23.09 -20.22
CA LEU A 130 -7.41 -23.17 -21.01
C LEU A 130 -7.71 -23.58 -22.45
N LYS A 131 -7.31 -22.72 -23.37
CA LYS A 131 -7.39 -22.99 -24.80
C LYS A 131 -6.37 -22.06 -25.48
N PRO A 132 -6.12 -22.25 -26.78
CA PRO A 132 -5.01 -21.47 -27.36
C PRO A 132 -5.20 -19.95 -27.32
N GLN A 133 -6.41 -19.47 -27.50
CA GLN A 133 -6.62 -18.01 -27.53
C GLN A 133 -6.42 -17.34 -26.16
N ASN A 134 -6.40 -18.15 -25.10
CA ASN A 134 -6.16 -17.65 -23.76
C ASN A 134 -4.71 -17.79 -23.35
N LEU A 135 -3.86 -18.21 -24.29
CA LEU A 135 -2.45 -18.31 -23.98
C LEU A 135 -1.67 -17.30 -24.80
N LEU A 136 -0.72 -16.61 -24.18
CA LEU A 136 -0.06 -15.49 -24.83
C LEU A 136 1.44 -15.74 -24.99
N ILE A 137 1.96 -15.44 -26.18
CA ILE A 137 3.38 -15.60 -26.44
C ILE A 137 4.03 -14.26 -26.73
N ASN A 138 5.29 -14.13 -26.31
CA ASN A 138 6.09 -12.96 -26.70
C ASN A 138 7.12 -13.32 -27.78
N THR A 139 7.94 -12.34 -28.17
CA THR A 139 8.90 -12.52 -29.25
C THR A 139 10.15 -13.23 -28.76
N GLU A 140 10.30 -13.37 -27.45
CA GLU A 140 11.51 -13.97 -26.89
C GLU A 140 11.39 -15.46 -26.60
N GLY A 141 10.24 -16.05 -26.86
CA GLY A 141 10.08 -17.48 -26.61
C GLY A 141 9.25 -17.80 -25.37
N ALA A 142 8.74 -16.79 -24.68
CA ALA A 142 7.89 -17.03 -23.51
C ALA A 142 6.44 -17.29 -23.91
N ILE A 143 5.75 -18.12 -23.13
CA ILE A 143 4.30 -18.25 -23.25
C ILE A 143 3.69 -18.15 -21.86
N LYS A 144 2.50 -17.56 -21.77
CA LYS A 144 1.90 -17.28 -20.46
C LYS A 144 0.43 -17.61 -20.44
N LEU A 145 -0.02 -18.13 -19.29
CA LEU A 145 -1.44 -18.34 -19.05
C LEU A 145 -2.10 -16.97 -18.97
N ALA A 146 -3.22 -16.79 -19.66
CA ALA A 146 -4.01 -15.58 -19.50
C ALA A 146 -5.51 -15.87 -19.37
N ASP A 147 -6.28 -14.81 -19.34
CA ASP A 147 -7.72 -14.91 -19.24
C ASP A 147 -8.22 -15.73 -18.04
N PHE A 148 -8.14 -15.14 -16.87
CA PHE A 148 -8.54 -15.78 -15.61
C PHE A 148 -10.00 -15.54 -15.23
N GLY A 149 -10.78 -15.03 -16.16
CA GLY A 149 -12.16 -14.72 -15.86
C GLY A 149 -13.03 -15.90 -15.40
N LEU A 150 -12.65 -17.13 -15.76
CA LEU A 150 -13.41 -18.31 -15.36
C LEU A 150 -12.77 -19.01 -14.17
N ALA A 151 -11.70 -18.41 -13.65
CA ALA A 151 -10.90 -19.08 -12.63
C ALA A 151 -11.60 -19.07 -11.29
N ARG A 152 -11.18 -19.97 -10.41
CA ARG A 152 -11.83 -20.12 -9.11
C ARG A 152 -10.79 -20.58 -8.10
N ALA A 153 -10.87 -20.06 -6.87
CA ALA A 153 -10.10 -20.61 -5.76
C ALA A 153 -10.81 -21.87 -5.29
N PHE A 154 -10.07 -22.94 -5.09
CA PHE A 154 -10.71 -24.21 -4.76
C PHE A 154 -10.40 -24.69 -3.37
N GLY A 155 -11.31 -25.49 -2.83
CA GLY A 155 -11.17 -26.02 -1.49
C GLY A 155 -10.51 -27.39 -1.49
N VAL A 156 -9.89 -27.73 -0.37
CA VAL A 156 -9.31 -29.04 -0.16
C VAL A 156 -10.08 -29.70 0.99
N PRO A 157 -10.93 -30.71 0.68
CA PRO A 157 -11.30 -31.20 -0.64
C PRO A 157 -12.28 -30.26 -1.35
N VAL A 158 -12.41 -30.44 -2.66
CA VAL A 158 -13.29 -29.61 -3.47
C VAL A 158 -14.78 -29.87 -3.15
N ARG A 159 -15.63 -28.93 -3.49
CA ARG A 159 -17.06 -29.20 -3.52
C ARG A 159 -17.56 -28.96 -4.95
N THR A 160 -18.86 -29.15 -5.17
CA THR A 160 -19.44 -28.92 -6.50
C THR A 160 -19.30 -27.45 -6.95
N TYR A 161 -18.70 -27.25 -8.10
CA TYR A 161 -18.55 -25.92 -8.66
C TYR A 161 -19.31 -25.85 -9.97
N HIS A 163 -21.00 -25.95 -13.31
CA HIS A 163 -20.95 -26.99 -14.32
C HIS A 163 -20.53 -26.50 -15.71
N GLU A 164 -20.89 -25.27 -16.06
CA GLU A 164 -20.60 -24.72 -17.38
C GLU A 164 -19.26 -23.99 -17.42
N VAL A 165 -18.18 -24.70 -17.68
CA VAL A 165 -16.90 -24.01 -17.64
C VAL A 165 -16.07 -23.92 -18.93
N VAL A 166 -15.25 -24.94 -19.18
CA VAL A 166 -14.29 -24.95 -20.28
C VAL A 166 -14.92 -24.87 -21.67
N THR A 167 -14.23 -24.23 -22.60
CA THR A 167 -14.71 -24.16 -23.98
C THR A 167 -14.80 -25.59 -24.50
N LEU A 168 -15.87 -25.88 -25.22
CA LEU A 168 -16.24 -27.27 -25.54
C LEU A 168 -15.10 -28.19 -26.00
N TRP A 169 -14.29 -27.76 -26.97
CA TRP A 169 -13.24 -28.61 -27.56
C TRP A 169 -12.21 -29.06 -26.52
N TYR A 170 -12.03 -28.25 -25.48
CA TYR A 170 -11.02 -28.46 -24.45
C TYR A 170 -11.60 -29.05 -23.16
N ARG A 171 -12.89 -29.37 -23.17
CA ARG A 171 -13.60 -29.77 -21.94
C ARG A 171 -13.41 -31.24 -21.57
N ALA A 172 -13.09 -31.49 -20.31
CA ALA A 172 -12.76 -32.83 -19.83
C ALA A 172 -13.99 -33.76 -19.77
N PRO A 173 -13.77 -35.07 -19.92
CA PRO A 173 -14.89 -36.02 -19.91
C PRO A 173 -15.66 -36.06 -18.59
N GLU A 174 -15.02 -35.88 -17.44
CA GLU A 174 -15.76 -35.87 -16.19
C GLU A 174 -16.79 -34.73 -16.11
N ILE A 175 -16.51 -33.62 -16.79
CA ILE A 175 -17.47 -32.50 -16.88
C ILE A 175 -18.61 -32.86 -17.86
N LEU A 176 -18.25 -33.37 -19.05
CA LEU A 176 -19.25 -33.77 -20.02
C LEU A 176 -20.21 -34.82 -19.45
N LEU A 177 -19.69 -35.71 -18.63
CA LEU A 177 -20.49 -36.79 -18.08
C LEU A 177 -21.24 -36.38 -16.82
N GLY A 178 -21.05 -35.13 -16.39
CA GLY A 178 -21.89 -34.54 -15.35
C GLY A 178 -21.46 -34.80 -13.91
N CYS A 179 -20.17 -35.07 -13.70
CA CYS A 179 -19.71 -35.38 -12.35
C CYS A 179 -20.02 -34.19 -11.42
N LYS A 180 -20.38 -34.47 -10.19
CA LYS A 180 -20.69 -33.36 -9.30
C LYS A 180 -19.41 -32.70 -8.80
N TYR A 181 -18.30 -33.43 -8.85
CA TYR A 181 -16.99 -32.90 -8.46
C TYR A 181 -16.00 -32.93 -9.62
N TYR A 182 -15.31 -31.81 -9.83
CA TYR A 182 -14.12 -31.76 -10.67
C TYR A 182 -13.04 -30.86 -10.01
N SER A 183 -11.82 -30.96 -10.49
CA SER A 183 -10.67 -30.35 -9.84
C SER A 183 -9.57 -30.08 -10.87
N THR A 184 -8.34 -29.97 -10.39
CA THR A 184 -7.17 -29.62 -11.19
C THR A 184 -7.02 -30.47 -12.45
N ALA A 185 -7.51 -31.71 -12.43
CA ALA A 185 -7.38 -32.58 -13.61
C ALA A 185 -8.04 -31.98 -14.85
N VAL A 186 -9.08 -31.15 -14.67
CA VAL A 186 -9.70 -30.53 -15.84
C VAL A 186 -8.71 -29.65 -16.60
N ASP A 187 -7.84 -28.93 -15.90
CA ASP A 187 -6.86 -28.09 -16.62
C ASP A 187 -5.82 -28.94 -17.36
N ILE A 188 -5.41 -30.05 -16.76
CA ILE A 188 -4.47 -30.94 -17.40
C ILE A 188 -5.05 -31.52 -18.70
N TRP A 189 -6.33 -31.86 -18.69
CA TRP A 189 -6.99 -32.35 -19.92
C TRP A 189 -6.90 -31.30 -21.03
N SER A 190 -7.27 -30.06 -20.69
CA SER A 190 -7.18 -28.95 -21.64
C SER A 190 -5.78 -28.81 -22.23
N LEU A 191 -4.78 -28.84 -21.37
CA LEU A 191 -3.39 -28.72 -21.84
C LEU A 191 -3.02 -29.89 -22.75
N GLY A 192 -3.53 -31.09 -22.44
CA GLY A 192 -3.26 -32.26 -23.27
C GLY A 192 -3.82 -32.04 -24.66
N CYS A 193 -5.04 -31.50 -24.72
CA CYS A 193 -5.66 -31.16 -26.00
C CYS A 193 -4.83 -30.15 -26.78
N ILE A 194 -4.26 -29.17 -26.07
CA ILE A 194 -3.51 -28.10 -26.70
C ILE A 194 -2.16 -28.63 -27.20
N PHE A 195 -1.55 -29.51 -26.42
CA PHE A 195 -0.31 -30.18 -26.80
C PHE A 195 -0.51 -30.91 -28.13
N ALA A 196 -1.55 -31.73 -28.21
CA ALA A 196 -1.84 -32.49 -29.43
C ALA A 196 -2.10 -31.53 -30.60
N GLU A 197 -2.81 -30.45 -30.31
CA GLU A 197 -3.13 -29.47 -31.35
C GLU A 197 -1.89 -28.75 -31.92
N MET A 198 -0.91 -28.43 -31.07
CA MET A 198 0.36 -27.87 -31.57
C MET A 198 1.07 -28.89 -32.47
N VAL A 199 0.98 -30.17 -32.12
CA VAL A 199 1.69 -31.22 -32.89
C VAL A 199 1.09 -31.50 -34.27
N THR A 200 -0.24 -31.64 -34.32
CA THR A 200 -0.91 -32.03 -35.57
C THR A 200 -1.46 -30.86 -36.35
N ARG A 201 -1.35 -29.66 -35.79
CA ARG A 201 -1.89 -28.46 -36.42
C ARG A 201 -3.43 -28.45 -36.55
N ARG A 202 -4.13 -29.22 -35.74
CA ARG A 202 -5.58 -29.15 -35.74
C ARG A 202 -6.13 -29.56 -34.38
N ALA A 203 -7.32 -29.06 -34.05
CA ALA A 203 -7.91 -29.37 -32.75
C ALA A 203 -8.07 -30.88 -32.63
N LEU A 204 -7.76 -31.42 -31.46
CA LEU A 204 -7.85 -32.87 -31.28
C LEU A 204 -9.30 -33.36 -31.28
N PHE A 205 -10.17 -32.64 -30.58
CA PHE A 205 -11.57 -33.07 -30.41
C PHE A 205 -12.52 -31.93 -30.73
N PRO A 206 -12.65 -31.59 -32.02
CA PRO A 206 -13.46 -30.42 -32.38
C PRO A 206 -14.98 -30.73 -32.38
N GLY A 207 -15.56 -31.01 -31.22
CA GLY A 207 -16.98 -31.31 -31.12
C GLY A 207 -17.92 -30.16 -31.48
N ASP A 208 -19.07 -30.45 -32.10
CA ASP A 208 -20.08 -29.41 -32.32
C ASP A 208 -21.27 -29.45 -31.34
N SER A 209 -21.23 -30.35 -30.37
CA SER A 209 -22.23 -30.39 -29.32
C SER A 209 -21.63 -31.24 -28.21
N GLU A 210 -22.32 -31.36 -27.09
CA GLU A 210 -21.74 -32.10 -25.97
C GLU A 210 -21.65 -33.58 -26.23
N ILE A 211 -22.70 -34.16 -26.82
CA ILE A 211 -22.64 -35.58 -27.21
C ILE A 211 -21.59 -35.81 -28.29
N ASP A 212 -21.53 -34.93 -29.29
CA ASP A 212 -20.52 -35.09 -30.35
C ASP A 212 -19.10 -34.96 -29.75
N GLN A 213 -18.94 -34.07 -28.79
CA GLN A 213 -17.65 -33.91 -28.13
C GLN A 213 -17.27 -35.21 -27.42
N LEU A 214 -18.21 -35.75 -26.65
CA LEU A 214 -17.98 -36.98 -25.93
C LEU A 214 -17.62 -38.13 -26.87
N PHE A 215 -18.34 -38.24 -27.99
CA PHE A 215 -18.14 -39.37 -28.90
C PHE A 215 -16.79 -39.24 -29.65
N ARG A 216 -16.39 -37.99 -29.93
CA ARG A 216 -15.08 -37.77 -30.55
C ARG A 216 -13.98 -38.25 -29.61
N ILE A 217 -14.13 -37.96 -28.33
CA ILE A 217 -13.19 -38.48 -27.34
C ILE A 217 -13.22 -40.02 -27.29
N PHE A 218 -14.42 -40.60 -27.23
CA PHE A 218 -14.54 -42.06 -27.17
C PHE A 218 -13.94 -42.72 -28.39
N ARG A 219 -14.12 -42.10 -29.56
CA ARG A 219 -13.66 -42.74 -30.79
C ARG A 219 -12.14 -42.79 -30.83
N THR A 220 -11.53 -41.80 -30.20
CA THR A 220 -10.08 -41.71 -30.14
C THR A 220 -9.45 -42.51 -29.01
N LEU A 221 -9.99 -42.34 -27.81
CA LEU A 221 -9.40 -42.95 -26.61
C LEU A 221 -10.07 -44.26 -26.19
N GLY A 222 -11.11 -44.65 -26.92
CA GLY A 222 -11.91 -45.82 -26.58
C GLY A 222 -13.03 -45.41 -25.63
N THR A 223 -14.17 -46.10 -25.69
CA THR A 223 -15.25 -45.80 -24.76
C THR A 223 -14.85 -46.33 -23.40
N PRO A 224 -14.87 -45.47 -22.38
CA PRO A 224 -14.41 -45.93 -21.07
C PRO A 224 -15.41 -46.87 -20.42
N ASP A 225 -14.89 -47.77 -19.59
CA ASP A 225 -15.71 -48.70 -18.83
C ASP A 225 -15.24 -48.71 -17.40
N GLU A 226 -15.90 -49.51 -16.58
CA GLU A 226 -15.62 -49.56 -15.16
C GLU A 226 -14.16 -49.92 -14.86
N VAL A 227 -13.52 -50.63 -15.79
CA VAL A 227 -12.12 -51.03 -15.58
C VAL A 227 -11.12 -49.91 -15.75
N VAL A 228 -11.23 -49.14 -16.83
CA VAL A 228 -10.31 -48.02 -16.99
C VAL A 228 -10.74 -46.85 -16.10
N TRP A 229 -12.04 -46.75 -15.82
CA TRP A 229 -12.55 -45.61 -15.05
C TRP A 229 -13.65 -46.01 -14.08
N PRO A 230 -13.27 -46.53 -12.91
CA PRO A 230 -14.26 -46.97 -11.92
C PRO A 230 -15.25 -45.85 -11.63
N GLY A 231 -16.54 -46.18 -11.59
CA GLY A 231 -17.58 -45.21 -11.34
C GLY A 231 -18.20 -44.59 -12.60
N VAL A 232 -17.50 -44.71 -13.73
CA VAL A 232 -17.95 -44.05 -14.95
C VAL A 232 -19.41 -44.37 -15.34
N THR A 233 -19.83 -45.62 -15.18
CA THR A 233 -21.17 -46.01 -15.62
C THR A 233 -22.27 -45.50 -14.68
N SER A 234 -21.87 -44.93 -13.55
CA SER A 234 -22.80 -44.31 -12.61
C SER A 234 -22.90 -42.78 -12.73
N MET A 235 -22.09 -42.18 -13.61
CA MET A 235 -22.10 -40.73 -13.76
C MET A 235 -23.45 -40.28 -14.28
N PRO A 236 -23.90 -39.08 -13.86
CA PRO A 236 -25.26 -38.61 -14.16
C PRO A 236 -25.60 -38.64 -15.65
N ASP A 237 -24.67 -38.26 -16.52
CA ASP A 237 -24.95 -38.18 -17.96
C ASP A 237 -24.47 -39.38 -18.80
N TYR A 238 -23.98 -40.41 -18.14
CA TYR A 238 -23.52 -41.59 -18.85
C TYR A 238 -24.75 -42.38 -19.30
N LYS A 239 -24.73 -42.94 -20.52
CA LYS A 239 -25.80 -43.88 -20.91
C LYS A 239 -25.20 -45.21 -21.36
N PRO A 240 -25.78 -46.32 -20.90
CA PRO A 240 -25.26 -47.63 -21.29
C PRO A 240 -25.38 -47.90 -22.79
N SER A 241 -26.16 -47.09 -23.48
CA SER A 241 -26.33 -47.23 -24.92
C SER A 241 -25.21 -46.55 -25.75
N PHE A 242 -24.30 -45.81 -25.09
CA PHE A 242 -23.17 -45.22 -25.81
C PHE A 242 -22.44 -46.28 -26.63
N PRO A 243 -22.16 -46.00 -27.91
CA PRO A 243 -21.39 -47.00 -28.69
C PRO A 243 -20.05 -47.33 -28.01
N LYS A 244 -19.60 -48.56 -28.13
CA LYS A 244 -18.33 -48.95 -27.53
C LYS A 244 -17.25 -49.01 -28.60
N TRP A 245 -16.36 -48.03 -28.58
CA TRP A 245 -15.29 -47.92 -29.57
C TRP A 245 -13.99 -48.34 -28.93
N ALA A 246 -13.13 -48.95 -29.72
CA ALA A 246 -11.80 -49.33 -29.27
C ALA A 246 -10.88 -48.15 -29.34
N ARG A 247 -9.92 -48.12 -28.43
CA ARG A 247 -8.91 -47.09 -28.40
C ARG A 247 -7.97 -47.16 -29.64
N GLN A 248 -7.66 -46.01 -30.23
CA GLN A 248 -6.69 -45.93 -31.32
C GLN A 248 -5.25 -45.90 -30.82
N ASP A 249 -4.32 -46.34 -31.67
CA ASP A 249 -2.91 -46.23 -31.34
C ASP A 249 -2.43 -44.80 -31.56
N PHE A 250 -1.69 -44.27 -30.60
CA PHE A 250 -1.27 -42.87 -30.69
C PHE A 250 -0.40 -42.58 -31.92
N SER A 251 0.18 -43.62 -32.51
CA SER A 251 0.92 -43.45 -33.76
C SER A 251 -0.01 -42.85 -34.81
N LYS A 252 -1.29 -43.20 -34.71
CA LYS A 252 -2.31 -42.66 -35.61
C LYS A 252 -2.78 -41.28 -35.15
N VAL A 253 -2.88 -41.10 -33.84
CA VAL A 253 -3.38 -39.84 -33.29
C VAL A 253 -2.41 -38.67 -33.37
N VAL A 254 -1.16 -38.91 -33.00
CA VAL A 254 -0.14 -37.87 -33.02
C VAL A 254 1.15 -38.38 -33.64
N PRO A 255 1.10 -38.64 -34.96
CA PRO A 255 2.20 -39.28 -35.70
C PRO A 255 3.58 -38.67 -35.48
N PRO A 256 3.69 -37.33 -35.40
CA PRO A 256 5.01 -36.71 -35.25
C PRO A 256 5.64 -36.92 -33.87
N LEU A 257 4.86 -37.33 -32.88
CA LEU A 257 5.38 -37.46 -31.52
C LEU A 257 6.22 -38.70 -31.28
N ASP A 258 7.33 -38.53 -30.59
CA ASP A 258 8.17 -39.65 -30.18
C ASP A 258 7.52 -40.45 -29.04
N GLU A 259 8.20 -41.51 -28.63
CA GLU A 259 7.73 -42.34 -27.53
C GLU A 259 7.46 -41.54 -26.24
N ASP A 260 8.39 -40.67 -25.85
CA ASP A 260 8.19 -39.84 -24.65
C ASP A 260 7.00 -38.90 -24.79
N GLY A 261 6.84 -38.28 -25.95
CA GLY A 261 5.75 -37.36 -26.16
C GLY A 261 4.40 -38.07 -26.08
N ARG A 262 4.32 -39.24 -26.70
CA ARG A 262 3.09 -40.04 -26.67
C ARG A 262 2.77 -40.50 -25.25
N SER A 263 3.80 -40.90 -24.51
CA SER A 263 3.63 -41.28 -23.12
C SER A 263 3.06 -40.12 -22.30
N LEU A 264 3.64 -38.94 -22.44
CA LEU A 264 3.15 -37.80 -21.66
C LEU A 264 1.72 -37.43 -22.04
N LEU A 265 1.46 -37.38 -23.34
CA LEU A 265 0.13 -37.04 -23.79
C LEU A 265 -0.91 -38.04 -23.27
N SER A 266 -0.59 -39.34 -23.35
CA SER A 266 -1.56 -40.34 -22.88
C SER A 266 -1.87 -40.14 -21.39
N GLN A 267 -0.86 -39.79 -20.59
CA GLN A 267 -1.08 -39.51 -19.16
C GLN A 267 -1.91 -38.25 -18.89
N MET A 268 -1.77 -37.24 -19.76
CA MET A 268 -2.58 -36.03 -19.65
C MET A 268 -4.04 -36.26 -20.07
N LEU A 269 -4.25 -37.24 -20.92
CA LEU A 269 -5.57 -37.62 -21.40
C LEU A 269 -6.18 -38.82 -20.69
N HIS A 270 -5.58 -39.27 -19.59
CA HIS A 270 -6.15 -40.37 -18.82
C HIS A 270 -7.63 -40.07 -18.49
N TYR A 271 -8.51 -41.06 -18.62
CA TYR A 271 -9.92 -40.85 -18.36
C TYR A 271 -10.21 -40.53 -16.90
N ASP A 272 -9.64 -41.33 -16.01
CA ASP A 272 -9.92 -41.21 -14.59
C ASP A 272 -9.20 -39.97 -14.03
N PRO A 273 -9.95 -38.95 -13.61
CA PRO A 273 -9.32 -37.69 -13.15
C PRO A 273 -8.35 -37.97 -12.01
N ASN A 274 -8.61 -39.02 -11.24
CA ASN A 274 -7.76 -39.33 -10.10
C ASN A 274 -6.39 -39.87 -10.51
N LYS A 275 -6.33 -40.50 -11.67
CA LYS A 275 -5.05 -40.99 -12.20
C LYS A 275 -4.43 -40.14 -13.30
N ARG A 276 -5.12 -39.11 -13.76
CA ARG A 276 -4.57 -38.19 -14.74
C ARG A 276 -3.33 -37.52 -14.16
N ILE A 277 -2.30 -37.32 -14.98
CA ILE A 277 -1.06 -36.73 -14.51
C ILE A 277 -1.22 -35.30 -14.00
N SER A 278 -0.55 -34.98 -12.90
CA SER A 278 -0.53 -33.63 -12.36
C SER A 278 0.45 -32.75 -13.12
N ALA A 279 0.28 -31.45 -13.03
CA ALA A 279 1.16 -30.53 -13.70
C ALA A 279 2.57 -30.70 -13.17
N LYS A 280 2.68 -30.87 -11.86
CA LYS A 280 3.98 -31.07 -11.21
C LYS A 280 4.67 -32.37 -11.68
N ALA A 281 3.94 -33.48 -11.68
CA ALA A 281 4.48 -34.75 -12.19
C ALA A 281 4.83 -34.67 -13.69
N ALA A 282 4.00 -33.99 -14.48
CA ALA A 282 4.27 -33.83 -15.91
C ALA A 282 5.62 -33.14 -16.14
N LEU A 283 5.93 -32.14 -15.33
CA LEU A 283 7.18 -31.41 -15.48
C LEU A 283 8.39 -32.34 -15.32
N ALA A 284 8.20 -33.46 -14.63
CA ALA A 284 9.31 -34.37 -14.34
C ALA A 284 9.38 -35.49 -15.38
N HIS A 285 8.50 -35.44 -16.37
CA HIS A 285 8.45 -36.47 -17.40
C HIS A 285 9.69 -36.45 -18.31
N PRO A 286 10.19 -37.63 -18.70
CA PRO A 286 11.38 -37.72 -19.58
C PRO A 286 11.27 -36.89 -20.86
N PHE A 287 10.07 -36.63 -21.34
CA PHE A 287 9.87 -35.81 -22.53
C PHE A 287 10.63 -34.47 -22.42
N PHE A 288 10.72 -33.93 -21.21
CA PHE A 288 11.31 -32.60 -21.03
C PHE A 288 12.79 -32.58 -20.72
N GLN A 289 13.42 -33.75 -20.73
CA GLN A 289 14.85 -33.84 -20.41
C GLN A 289 15.73 -32.88 -21.22
N ASP A 290 15.41 -32.72 -22.50
CA ASP A 290 16.24 -31.90 -23.40
C ASP A 290 15.77 -30.45 -23.58
N VAL A 291 14.76 -30.05 -22.81
CA VAL A 291 14.02 -28.81 -23.08
C VAL A 291 14.91 -27.56 -23.22
N THR A 292 14.60 -26.74 -24.22
CA THR A 292 15.33 -25.50 -24.47
C THR A 292 14.29 -24.39 -24.60
N LYS A 293 14.74 -23.17 -24.87
CA LYS A 293 13.81 -22.06 -25.04
C LYS A 293 14.08 -21.35 -26.35
N PRO A 294 13.59 -21.94 -27.45
CA PRO A 294 13.88 -21.32 -28.75
C PRO A 294 13.02 -20.07 -28.92
N VAL A 295 13.39 -19.22 -29.87
CA VAL A 295 12.63 -18.03 -30.23
C VAL A 295 11.64 -18.40 -31.33
N PRO A 296 10.39 -17.93 -31.23
CA PRO A 296 9.45 -18.27 -32.30
C PRO A 296 9.73 -17.44 -33.54
N HIS A 297 9.30 -17.94 -34.70
CA HIS A 297 9.40 -17.17 -35.93
C HIS A 297 8.07 -16.44 -36.14
N LEU A 298 8.14 -15.10 -36.08
CA LEU A 298 6.95 -14.27 -36.18
C LEU A 298 7.01 -13.35 -37.40
N SER B 1 -15.74 -38.23 -6.00
CA SER B 1 -14.52 -38.53 -6.74
C SER B 1 -13.51 -37.38 -6.63
N ASN B 2 -13.14 -37.03 -5.40
CA ASN B 2 -12.24 -35.90 -5.13
C ASN B 2 -10.76 -36.34 -5.07
N GLU B 3 -9.89 -35.51 -5.61
CA GLU B 3 -8.46 -35.78 -5.50
C GLU B 3 -7.72 -34.51 -5.10
N VAL B 4 -6.95 -34.61 -4.02
CA VAL B 4 -6.17 -33.47 -3.53
C VAL B 4 -4.64 -33.57 -3.38
N PRO B 5 -4.06 -34.75 -3.45
CA PRO B 5 -2.70 -34.99 -2.96
C PRO B 5 -1.45 -34.28 -3.50
N ASP B 6 -1.26 -34.11 -4.80
CA ASP B 6 0.03 -33.57 -5.28
C ASP B 6 0.40 -32.15 -4.83
N TYR B 7 -0.58 -31.25 -4.85
CA TYR B 7 -0.38 -29.85 -4.48
C TYR B 7 -0.97 -29.54 -3.10
N GLN B 8 -1.46 -30.55 -2.41
CA GLN B 8 -2.12 -30.31 -1.14
C GLN B 8 -1.24 -29.71 -0.06
N GLU B 9 -0.01 -30.19 0.07
CA GLU B 9 0.89 -29.61 1.05
C GLU B 9 1.22 -28.17 0.70
N ASP B 10 1.39 -27.88 -0.59
CA ASP B 10 1.71 -26.53 -1.04
C ASP B 10 0.57 -25.60 -0.73
N ILE B 11 -0.65 -26.08 -0.94
CA ILE B 11 -1.81 -25.22 -0.68
C ILE B 11 -1.89 -24.87 0.80
N HIS B 12 -1.72 -25.86 1.67
CA HIS B 12 -1.76 -25.59 3.10
C HIS B 12 -0.66 -24.56 3.49
N THR B 13 0.55 -24.75 2.97
CA THR B 13 1.64 -23.79 3.26
C THR B 13 1.30 -22.38 2.77
N TYR B 14 0.78 -22.29 1.56
CA TYR B 14 0.36 -21.01 1.02
C TYR B 14 -0.74 -20.34 1.85
N LEU B 15 -1.75 -21.10 2.28
CA LEU B 15 -2.84 -20.53 3.07
C LEU B 15 -2.30 -20.02 4.41
N ARG B 16 -1.31 -20.72 4.96
CA ARG B 16 -0.71 -20.28 6.21
C ARG B 16 0.01 -18.93 6.07
N GLU B 17 0.61 -18.70 4.90
CA GLU B 17 1.24 -17.43 4.59
C GLU B 17 0.18 -16.34 4.41
N MET B 18 -0.90 -16.64 3.70
CA MET B 18 -1.91 -15.63 3.38
C MET B 18 -2.80 -15.26 4.56
N GLU B 19 -2.99 -16.15 5.54
CA GLU B 19 -3.85 -15.80 6.67
C GLU B 19 -3.22 -14.68 7.48
N VAL B 20 -1.90 -14.69 7.57
CA VAL B 20 -1.17 -13.60 8.20
C VAL B 20 -1.39 -12.28 7.45
N LYS B 21 -1.34 -12.32 6.13
CA LYS B 21 -1.48 -11.13 5.32
C LYS B 21 -2.92 -10.60 5.25
N CYS B 22 -3.90 -11.48 5.45
CA CYS B 22 -5.33 -11.14 5.38
C CYS B 22 -5.97 -10.88 6.76
N LYS B 23 -5.16 -10.95 7.81
CA LYS B 23 -5.66 -10.75 9.18
C LYS B 23 -6.06 -9.30 9.41
N PRO B 24 -7.24 -9.09 10.01
CA PRO B 24 -7.68 -7.75 10.42
C PRO B 24 -6.81 -7.25 11.57
N LYS B 25 -6.85 -5.95 11.85
CA LYS B 25 -6.09 -5.42 13.00
C LYS B 25 -6.82 -5.81 14.28
N VAL B 26 -6.15 -6.53 15.16
CA VAL B 26 -6.83 -7.11 16.33
C VAL B 26 -7.54 -6.08 17.20
N GLY B 27 -6.96 -4.90 17.35
CA GLY B 27 -7.50 -3.92 18.29
C GLY B 27 -8.44 -2.88 17.69
N TYR B 28 -8.96 -3.14 16.49
CA TYR B 28 -9.61 -2.06 15.75
C TYR B 28 -10.88 -1.49 16.40
N MET B 29 -11.59 -2.32 17.16
CA MET B 29 -12.87 -1.90 17.71
C MET B 29 -12.71 -0.75 18.75
N LYS B 30 -11.62 -0.75 19.50
CA LYS B 30 -11.36 0.34 20.44
C LYS B 30 -11.14 1.67 19.71
N ARG B 31 -10.81 1.62 18.42
CA ARG B 31 -10.62 2.84 17.66
C ARG B 31 -11.87 3.26 16.89
N GLN B 32 -12.90 2.43 16.90
CA GLN B 32 -14.16 2.82 16.30
C GLN B 32 -14.88 3.69 17.31
N PRO B 33 -15.21 4.92 16.92
CA PRO B 33 -15.89 5.79 17.88
C PRO B 33 -17.31 5.32 18.18
N ASP B 34 -18.03 4.84 17.16
CA ASP B 34 -19.46 4.59 17.32
C ASP B 34 -19.98 3.16 17.42
N ILE B 35 -19.15 2.16 17.12
CA ILE B 35 -19.63 0.78 17.06
C ILE B 35 -18.89 -0.06 18.07
N THR B 36 -19.48 -1.19 18.46
CA THR B 36 -18.93 -2.01 19.55
C THR B 36 -18.87 -3.48 19.15
N ASN B 37 -18.19 -4.29 19.94
CA ASN B 37 -18.21 -5.74 19.72
C ASN B 37 -19.66 -6.30 19.75
N SER B 38 -20.52 -5.74 20.59
CA SER B 38 -21.91 -6.22 20.62
C SER B 38 -22.67 -5.94 19.33
N MET B 39 -22.48 -4.77 18.73
CA MET B 39 -23.08 -4.48 17.42
C MET B 39 -22.56 -5.40 16.34
N ARG B 40 -21.24 -5.65 16.36
CA ARG B 40 -20.63 -6.56 15.40
C ARG B 40 -21.26 -7.97 15.57
N ALA B 41 -21.48 -8.39 16.80
CA ALA B 41 -22.06 -9.72 17.06
C ALA B 41 -23.48 -9.82 16.49
N ILE B 42 -24.28 -8.79 16.69
CA ILE B 42 -25.61 -8.70 16.11
C ILE B 42 -25.55 -8.78 14.58
N LEU B 43 -24.65 -8.02 13.99
CA LEU B 43 -24.43 -8.06 12.54
C LEU B 43 -24.09 -9.46 12.03
N VAL B 44 -23.11 -10.11 12.65
CA VAL B 44 -22.67 -11.40 12.14
C VAL B 44 -23.80 -12.44 12.29
N ASP B 45 -24.47 -12.40 13.44
CA ASP B 45 -25.59 -13.30 13.70
C ASP B 45 -26.69 -13.17 12.65
N TRP B 46 -26.98 -11.93 12.26
CA TRP B 46 -27.89 -11.65 11.15
C TRP B 46 -27.38 -12.23 9.80
N LEU B 47 -26.09 -12.10 9.53
CA LEU B 47 -25.51 -12.66 8.29
C LEU B 47 -25.66 -14.18 8.25
N VAL B 48 -25.55 -14.83 9.40
CA VAL B 48 -25.84 -16.25 9.50
C VAL B 48 -27.26 -16.53 9.02
N GLU B 49 -28.22 -15.71 9.47
CA GLU B 49 -29.61 -15.94 9.07
C GLU B 49 -29.78 -15.69 7.58
N VAL B 50 -29.14 -14.64 7.07
CA VAL B 50 -29.20 -14.33 5.64
C VAL B 50 -28.65 -15.48 4.80
N GLY B 51 -27.51 -16.04 5.20
CA GLY B 51 -26.95 -17.20 4.53
C GLY B 51 -27.89 -18.39 4.52
N GLU B 52 -28.63 -18.60 5.61
CA GLU B 52 -29.61 -19.68 5.67
C GLU B 52 -30.78 -19.40 4.76
N GLU B 53 -31.30 -18.17 4.80
CA GLU B 53 -32.42 -17.82 3.95
C GLU B 53 -32.08 -18.04 2.47
N TYR B 54 -30.87 -17.63 2.07
CA TYR B 54 -30.45 -17.79 0.66
C TYR B 54 -29.68 -19.09 0.36
N LYS B 55 -29.62 -20.00 1.32
CA LYS B 55 -28.90 -21.28 1.13
C LYS B 55 -27.47 -21.07 0.60
N LEU B 56 -26.77 -20.13 1.23
CA LEU B 56 -25.39 -19.83 0.88
C LEU B 56 -24.42 -20.80 1.58
N GLN B 57 -23.25 -21.00 0.99
CA GLN B 57 -22.21 -21.83 1.61
C GLN B 57 -21.74 -21.26 2.93
N ASN B 58 -21.34 -22.10 3.87
CA ASN B 58 -20.64 -21.61 5.06
C ASN B 58 -19.40 -20.77 4.73
N GLU B 59 -18.68 -21.16 3.67
CA GLU B 59 -17.50 -20.38 3.28
C GLU B 59 -17.82 -18.91 2.98
N THR B 60 -18.95 -18.67 2.32
CA THR B 60 -19.39 -17.33 1.98
C THR B 60 -19.55 -16.48 3.24
N LEU B 61 -20.14 -17.07 4.27
CA LEU B 61 -20.30 -16.42 5.59
C LEU B 61 -18.93 -16.07 6.19
N HIS B 62 -18.00 -17.03 6.24
CA HIS B 62 -16.66 -16.76 6.76
C HIS B 62 -15.92 -15.68 5.99
N LEU B 63 -16.05 -15.67 4.68
CA LEU B 63 -15.39 -14.63 3.90
C LEU B 63 -15.96 -13.25 4.20
N ALA B 64 -17.28 -13.16 4.26
CA ALA B 64 -17.95 -11.89 4.51
C ALA B 64 -17.47 -11.31 5.82
N VAL B 65 -17.33 -12.15 6.83
CA VAL B 65 -16.84 -11.68 8.11
C VAL B 65 -15.40 -11.17 8.02
N ASN B 66 -14.53 -11.90 7.33
CA ASN B 66 -13.17 -11.41 7.07
C ASN B 66 -13.22 -10.05 6.37
N TYR B 67 -14.07 -9.89 5.38
CA TYR B 67 -14.12 -8.60 4.68
C TYR B 67 -14.53 -7.48 5.62
N ILE B 68 -15.53 -7.77 6.45
CA ILE B 68 -16.02 -6.76 7.40
C ILE B 68 -14.94 -6.33 8.37
N ASP B 69 -14.25 -7.31 8.96
CA ASP B 69 -13.26 -6.97 9.96
C ASP B 69 -12.09 -6.19 9.33
N ARG B 70 -11.74 -6.53 8.09
CA ARG B 70 -10.67 -5.79 7.43
C ARG B 70 -11.13 -4.38 7.04
N PHE B 71 -12.36 -4.23 6.59
CA PHE B 71 -12.86 -2.90 6.25
C PHE B 71 -12.87 -2.00 7.50
N LEU B 72 -13.39 -2.53 8.60
CA LEU B 72 -13.51 -1.77 9.86
C LEU B 72 -12.16 -1.51 10.50
N SER B 73 -11.16 -2.27 10.07
CA SER B 73 -9.79 -2.01 10.52
C SER B 73 -9.25 -0.68 10.02
N SER B 74 -9.63 -0.28 8.82
CA SER B 74 -9.21 1.05 8.35
C SER B 74 -10.27 2.14 8.19
N MET B 75 -11.55 1.80 8.38
CA MET B 75 -12.63 2.77 8.11
C MET B 75 -13.52 2.95 9.32
N SER B 76 -13.64 4.18 9.83
CA SER B 76 -14.64 4.48 10.87
C SER B 76 -16.06 4.39 10.28
N VAL B 77 -16.96 3.74 11.00
CA VAL B 77 -18.32 3.54 10.52
C VAL B 77 -19.35 3.86 11.61
N LEU B 78 -20.35 4.69 11.30
CA LEU B 78 -21.41 4.95 12.26
C LEU B 78 -22.35 3.74 12.38
N ARG B 79 -22.98 3.60 13.54
CA ARG B 79 -23.80 2.41 13.78
C ARG B 79 -24.92 2.21 12.75
N GLY B 80 -25.47 3.31 12.23
CA GLY B 80 -26.57 3.24 11.27
C GLY B 80 -26.12 2.75 9.89
N LYS B 81 -24.82 2.75 9.63
CA LYS B 81 -24.27 2.26 8.36
C LYS B 81 -23.63 0.87 8.47
N LEU B 82 -23.57 0.31 9.67
CA LEU B 82 -22.85 -0.93 9.86
C LEU B 82 -23.50 -2.06 9.04
N GLN B 83 -24.82 -2.08 9.00
CA GLN B 83 -25.53 -3.13 8.26
C GLN B 83 -25.28 -2.99 6.76
N LEU B 84 -25.03 -1.76 6.29
CA LEU B 84 -24.72 -1.52 4.88
C LEU B 84 -23.35 -2.14 4.53
N VAL B 85 -22.37 -1.91 5.40
CA VAL B 85 -21.06 -2.55 5.24
C VAL B 85 -21.23 -4.09 5.18
N GLY B 86 -22.00 -4.63 6.12
CA GLY B 86 -22.20 -6.07 6.21
C GLY B 86 -22.87 -6.62 4.98
N THR B 87 -23.87 -5.89 4.48
CA THR B 87 -24.62 -6.32 3.30
C THR B 87 -23.77 -6.34 2.05
N ALA B 88 -22.96 -5.30 1.85
CA ALA B 88 -22.06 -5.24 0.72
C ALA B 88 -21.01 -6.35 0.81
N ALA B 89 -20.53 -6.60 2.02
CA ALA B 89 -19.53 -7.63 2.26
C ALA B 89 -20.07 -9.03 1.88
N MET B 90 -21.34 -9.25 2.22
CA MET B 90 -21.98 -10.55 1.96
C MET B 90 -22.23 -10.71 0.46
N LEU B 91 -22.62 -9.62 -0.20
CA LEU B 91 -22.78 -9.62 -1.66
C LEU B 91 -21.45 -9.96 -2.34
N LEU B 92 -20.36 -9.33 -1.89
CA LEU B 92 -19.06 -9.58 -2.49
C LEU B 92 -18.60 -11.02 -2.24
N ALA B 93 -18.79 -11.49 -1.01
CA ALA B 93 -18.40 -12.86 -0.68
C ALA B 93 -19.20 -13.85 -1.53
N SER B 94 -20.47 -13.54 -1.76
CA SER B 94 -21.33 -14.39 -2.60
C SER B 94 -20.83 -14.41 -4.04
N LYS B 95 -20.48 -13.23 -4.56
CA LYS B 95 -19.96 -13.16 -5.92
C LYS B 95 -18.65 -13.95 -6.01
N PHE B 96 -17.81 -13.86 -5.01
CA PHE B 96 -16.55 -14.61 -5.06
C PHE B 96 -16.78 -16.12 -4.99
N GLU B 97 -17.56 -16.54 -4.00
CA GLU B 97 -17.69 -17.94 -3.60
C GLU B 97 -18.77 -18.80 -4.28
N GLU B 98 -19.94 -18.21 -4.49
CA GLU B 98 -21.12 -18.97 -4.90
C GLU B 98 -21.15 -19.19 -6.40
N ILE B 99 -21.82 -20.26 -6.79
CA ILE B 99 -22.18 -20.45 -8.17
C ILE B 99 -23.23 -19.40 -8.51
N TYR B 100 -24.23 -19.26 -7.62
CA TYR B 100 -25.36 -18.34 -7.82
C TYR B 100 -25.49 -17.29 -6.71
N PRO B 101 -24.78 -16.18 -6.87
CA PRO B 101 -24.97 -15.10 -5.88
C PRO B 101 -26.38 -14.51 -6.00
N PRO B 102 -27.00 -14.18 -4.87
CA PRO B 102 -28.31 -13.54 -4.94
C PRO B 102 -28.17 -12.20 -5.65
N GLU B 103 -29.22 -11.72 -6.32
CA GLU B 103 -29.13 -10.42 -6.97
C GLU B 103 -29.20 -9.28 -5.95
N VAL B 104 -28.68 -8.12 -6.33
CA VAL B 104 -28.62 -6.98 -5.40
C VAL B 104 -29.99 -6.60 -4.83
N ALA B 105 -31.02 -6.63 -5.67
CA ALA B 105 -32.38 -6.36 -5.21
C ALA B 105 -32.80 -7.27 -4.05
N GLU B 106 -32.24 -8.48 -3.99
CA GLU B 106 -32.56 -9.41 -2.91
C GLU B 106 -31.87 -9.02 -1.61
N PHE B 107 -30.62 -8.59 -1.71
CA PHE B 107 -29.92 -8.07 -0.57
C PHE B 107 -30.61 -6.80 -0.06
N VAL B 108 -31.09 -5.95 -0.97
CA VAL B 108 -31.85 -4.77 -0.54
C VAL B 108 -33.09 -5.23 0.22
N TYR B 109 -33.84 -6.16 -0.36
CA TYR B 109 -35.02 -6.72 0.31
C TYR B 109 -34.74 -7.22 1.71
N ILE B 110 -33.63 -7.95 1.87
CA ILE B 110 -33.38 -8.62 3.12
C ILE B 110 -33.00 -7.64 4.25
N THR B 111 -32.61 -6.42 3.91
CA THR B 111 -32.46 -5.35 4.92
C THR B 111 -33.79 -4.61 5.18
N ASP B 112 -34.86 -5.06 4.52
CA ASP B 112 -36.17 -4.41 4.63
C ASP B 112 -36.15 -2.95 4.15
N ASP B 113 -35.45 -2.72 3.04
CA ASP B 113 -35.35 -1.40 2.42
C ASP B 113 -34.64 -0.38 3.33
N THR B 114 -33.76 -0.84 4.21
CA THR B 114 -33.03 0.11 5.06
C THR B 114 -32.09 0.96 4.18
N TYR B 115 -31.53 0.33 3.15
CA TYR B 115 -30.64 0.97 2.20
C TYR B 115 -31.18 0.78 0.78
N SER B 116 -30.80 1.65 -0.13
CA SER B 116 -31.26 1.48 -1.50
C SER B 116 -30.26 0.64 -2.29
N LYS B 117 -30.64 0.29 -3.51
CA LYS B 117 -29.74 -0.44 -4.39
C LYS B 117 -28.48 0.40 -4.67
N LYS B 118 -28.70 1.67 -5.01
CA LYS B 118 -27.59 2.58 -5.24
C LYS B 118 -26.59 2.55 -4.07
N GLN B 119 -27.09 2.61 -2.85
CA GLN B 119 -26.22 2.55 -1.69
C GLN B 119 -25.48 1.24 -1.59
N VAL B 120 -26.17 0.13 -1.81
CA VAL B 120 -25.48 -1.15 -1.71
C VAL B 120 -24.36 -1.23 -2.76
N LEU B 121 -24.66 -0.81 -3.97
CA LEU B 121 -23.67 -0.88 -5.04
C LEU B 121 -22.50 0.11 -4.82
N ARG B 122 -22.81 1.31 -4.34
CA ARG B 122 -21.74 2.25 -3.97
C ARG B 122 -20.89 1.71 -2.83
N MET B 123 -21.51 1.01 -1.88
CA MET B 123 -20.75 0.43 -0.78
C MET B 123 -19.88 -0.73 -1.26
N GLU B 124 -20.39 -1.47 -2.23
CA GLU B 124 -19.62 -2.55 -2.84
C GLU B 124 -18.32 -1.97 -3.41
N HIS B 125 -18.45 -0.88 -4.16
CA HIS B 125 -17.31 -0.18 -4.76
C HIS B 125 -16.30 0.23 -3.67
N LEU B 126 -16.79 0.82 -2.58
CA LEU B 126 -15.92 1.28 -1.50
C LEU B 126 -15.19 0.14 -0.82
N VAL B 127 -15.89 -0.95 -0.55
CA VAL B 127 -15.28 -2.10 0.08
C VAL B 127 -14.21 -2.71 -0.84
N LEU B 128 -14.50 -2.79 -2.13
CA LEU B 128 -13.53 -3.28 -3.09
C LEU B 128 -12.29 -2.37 -3.09
N LYS B 129 -12.53 -1.06 -3.04
CA LYS B 129 -11.43 -0.11 -3.06
C LYS B 129 -10.56 -0.25 -1.80
N VAL B 130 -11.24 -0.36 -0.66
CA VAL B 130 -10.57 -0.43 0.64
C VAL B 130 -9.81 -1.76 0.82
N LEU B 131 -10.39 -2.86 0.35
CA LEU B 131 -9.69 -4.13 0.37
C LEU B 131 -8.74 -4.34 -0.82
N ALA B 132 -8.66 -3.34 -1.70
CA ALA B 132 -7.87 -3.44 -2.94
C ALA B 132 -8.13 -4.75 -3.74
N PHE B 133 -9.40 -5.14 -3.79
CA PHE B 133 -9.86 -6.34 -4.50
C PHE B 133 -9.20 -7.60 -3.98
N ASP B 134 -8.63 -7.59 -2.78
CA ASP B 134 -7.98 -8.82 -2.35
C ASP B 134 -9.04 -9.58 -1.57
N LEU B 135 -9.75 -10.44 -2.30
CA LEU B 135 -10.89 -11.13 -1.72
C LEU B 135 -10.63 -12.58 -1.39
N ALA B 136 -9.47 -13.10 -1.72
CA ALA B 136 -9.34 -14.54 -1.59
C ALA B 136 -8.58 -14.77 -0.32
N ALA B 137 -9.31 -14.68 0.79
CA ALA B 137 -8.77 -14.76 2.13
C ALA B 137 -8.97 -16.17 2.63
N PRO B 138 -7.96 -16.72 3.34
CA PRO B 138 -8.16 -17.98 4.06
C PRO B 138 -9.19 -17.80 5.18
N THR B 139 -9.97 -18.83 5.44
CA THR B 139 -11.00 -18.79 6.51
C THR B 139 -10.80 -19.99 7.42
N VAL B 140 -11.43 -19.94 8.59
CA VAL B 140 -11.46 -21.09 9.49
C VAL B 140 -12.02 -22.31 8.74
N ASN B 141 -12.98 -22.06 7.87
CA ASN B 141 -13.63 -23.11 7.10
C ASN B 141 -12.66 -23.87 6.17
N GLN B 142 -11.82 -23.13 5.46
CA GLN B 142 -10.84 -23.72 4.57
C GLN B 142 -9.85 -24.58 5.35
N PHE B 143 -9.43 -24.14 6.53
CA PHE B 143 -8.51 -24.97 7.32
C PHE B 143 -9.21 -26.22 7.87
N LEU B 144 -10.45 -26.05 8.34
CA LEU B 144 -11.24 -27.18 8.82
C LEU B 144 -11.36 -28.31 7.80
N THR B 145 -11.75 -27.97 6.58
CA THR B 145 -11.94 -29.00 5.56
C THR B 145 -10.65 -29.77 5.27
N GLN B 146 -9.49 -29.12 5.41
CA GLN B 146 -8.22 -29.82 5.22
C GLN B 146 -7.90 -30.71 6.40
N TYR B 147 -8.14 -30.21 7.60
CA TYR B 147 -7.99 -31.02 8.80
C TYR B 147 -8.86 -32.28 8.74
N PHE B 148 -10.09 -32.16 8.24
CA PHE B 148 -11.04 -33.29 8.23
C PHE B 148 -10.46 -34.49 7.48
N LEU B 149 -9.54 -34.24 6.56
CA LEU B 149 -8.97 -35.32 5.77
C LEU B 149 -8.15 -36.28 6.63
N HIS B 150 -7.79 -35.86 7.83
CA HIS B 150 -6.99 -36.70 8.71
C HIS B 150 -7.84 -37.70 9.50
N LEU B 151 -9.15 -37.63 9.32
CA LEU B 151 -10.02 -38.67 9.87
C LEU B 151 -10.35 -39.72 8.83
N GLN B 152 -9.81 -40.93 9.00
CA GLN B 152 -10.17 -42.06 8.15
C GLN B 152 -10.78 -43.18 8.99
N PRO B 153 -12.03 -43.55 8.71
CA PRO B 153 -12.95 -42.93 7.75
C PRO B 153 -13.45 -41.60 8.30
N ALA B 154 -14.05 -40.79 7.45
CA ALA B 154 -14.61 -39.51 7.87
C ALA B 154 -15.63 -39.75 8.99
N ASN B 155 -15.73 -38.77 9.87
CA ASN B 155 -16.78 -38.77 10.88
C ASN B 155 -17.61 -37.52 10.67
N CYS B 156 -18.83 -37.68 10.16
CA CYS B 156 -19.61 -36.53 9.73
C CYS B 156 -20.10 -35.69 10.91
N LYS B 157 -20.28 -36.33 12.06
CA LYS B 157 -20.73 -35.65 13.27
C LYS B 157 -19.62 -34.75 13.80
N VAL B 158 -18.39 -35.26 13.81
CA VAL B 158 -17.22 -34.46 14.19
C VAL B 158 -17.10 -33.26 13.26
N GLU B 159 -17.29 -33.49 11.97
CA GLU B 159 -17.16 -32.38 11.01
C GLU B 159 -18.24 -31.31 11.26
N SER B 160 -19.48 -31.75 11.49
CA SER B 160 -20.56 -30.82 11.78
C SER B 160 -20.28 -30.02 13.06
N LEU B 161 -19.85 -30.71 14.10
CA LEU B 161 -19.60 -30.05 15.37
C LEU B 161 -18.43 -29.10 15.23
N ALA B 162 -17.41 -29.47 14.45
CA ALA B 162 -16.28 -28.58 14.25
C ALA B 162 -16.69 -27.31 13.51
N MET B 163 -17.54 -27.47 12.51
CA MET B 163 -18.03 -26.30 11.75
C MET B 163 -18.84 -25.37 12.66
N PHE B 164 -19.66 -25.97 13.51
CA PHE B 164 -20.49 -25.24 14.45
C PHE B 164 -19.61 -24.40 15.37
N LEU B 165 -18.59 -25.03 15.95
CA LEU B 165 -17.67 -24.33 16.85
C LEU B 165 -16.91 -23.22 16.13
N GLY B 166 -16.45 -23.53 14.92
CA GLY B 166 -15.77 -22.54 14.08
C GLY B 166 -16.66 -21.35 13.76
N GLU B 167 -17.94 -21.62 13.51
CA GLU B 167 -18.88 -20.55 13.21
C GLU B 167 -19.16 -19.68 14.48
N LEU B 168 -19.22 -20.31 15.64
CA LEU B 168 -19.50 -19.55 16.87
C LEU B 168 -18.39 -18.52 17.10
N SER B 169 -17.17 -18.83 16.65
CA SER B 169 -16.03 -17.93 16.82
C SER B 169 -16.19 -16.65 16.03
N LEU B 170 -16.98 -16.69 14.95
CA LEU B 170 -17.22 -15.49 14.14
C LEU B 170 -17.95 -14.39 14.89
N ILE B 171 -18.74 -14.78 15.88
CA ILE B 171 -19.66 -13.85 16.52
C ILE B 171 -18.94 -12.92 17.47
N ASP B 172 -17.92 -13.44 18.16
CA ASP B 172 -17.33 -12.70 19.27
C ASP B 172 -15.90 -12.28 18.92
N ALA B 173 -15.74 -11.01 18.57
CA ALA B 173 -14.44 -10.45 18.15
C ALA B 173 -13.47 -10.54 19.31
N ASP B 174 -13.98 -10.26 20.50
CA ASP B 174 -13.24 -10.53 21.72
C ASP B 174 -13.78 -11.84 22.26
N PRO B 175 -12.93 -12.87 22.41
CA PRO B 175 -11.51 -13.10 22.18
C PRO B 175 -10.99 -13.41 20.75
N TYR B 176 -11.86 -13.80 19.82
CA TYR B 176 -11.39 -14.60 18.67
C TYR B 176 -10.55 -13.86 17.62
N LEU B 177 -10.63 -12.53 17.57
CA LEU B 177 -9.77 -11.77 16.65
C LEU B 177 -8.29 -11.97 17.01
N LYS B 178 -7.99 -12.40 18.22
CA LYS B 178 -6.59 -12.64 18.61
C LYS B 178 -5.96 -13.85 17.92
N TYR B 179 -6.77 -14.75 17.40
CA TYR B 179 -6.22 -16.01 16.90
C TYR B 179 -6.34 -16.07 15.40
N LEU B 180 -5.33 -16.67 14.76
CA LEU B 180 -5.40 -16.89 13.31
C LEU B 180 -6.42 -17.99 13.00
N PRO B 181 -7.05 -17.93 11.82
CA PRO B 181 -8.03 -18.97 11.43
C PRO B 181 -7.49 -20.42 11.56
N SER B 182 -6.23 -20.67 11.21
CA SER B 182 -5.68 -22.04 11.27
C SER B 182 -5.67 -22.57 12.70
N LEU B 183 -5.42 -21.67 13.65
CA LEU B 183 -5.38 -22.03 15.07
C LEU B 183 -6.80 -22.22 15.63
N ILE B 184 -7.73 -21.33 15.29
CA ILE B 184 -9.13 -21.52 15.65
C ILE B 184 -9.66 -22.84 15.09
N ALA B 185 -9.31 -23.13 13.83
CA ALA B 185 -9.75 -24.37 13.21
C ALA B 185 -9.20 -25.57 13.97
N GLY B 186 -7.97 -25.42 14.46
CA GLY B 186 -7.32 -26.50 15.19
C GLY B 186 -8.02 -26.75 16.51
N ALA B 187 -8.33 -25.67 17.24
CA ALA B 187 -9.04 -25.80 18.51
C ALA B 187 -10.44 -26.39 18.29
N ALA B 188 -11.14 -25.92 17.27
CA ALA B 188 -12.48 -26.40 16.95
C ALA B 188 -12.47 -27.88 16.57
N PHE B 189 -11.52 -28.27 15.73
CA PHE B 189 -11.38 -29.67 15.35
C PHE B 189 -11.14 -30.55 16.56
N HIS B 190 -10.17 -30.18 17.38
CA HIS B 190 -9.87 -31.01 18.55
C HIS B 190 -11.09 -31.12 19.48
N LEU B 191 -11.71 -29.97 19.76
CA LEU B 191 -12.83 -29.94 20.70
C LEU B 191 -13.99 -30.81 20.19
N ALA B 192 -14.21 -30.76 18.88
CA ALA B 192 -15.27 -31.53 18.25
C ALA B 192 -14.95 -33.02 18.29
N LEU B 193 -13.73 -33.36 17.91
CA LEU B 193 -13.27 -34.75 17.95
C LEU B 193 -13.42 -35.33 19.35
N TYR B 194 -12.98 -34.55 20.33
CA TYR B 194 -12.97 -34.98 21.72
C TYR B 194 -14.38 -35.19 22.22
N THR B 195 -15.25 -34.22 21.94
CA THR B 195 -16.64 -34.32 22.34
C THR B 195 -17.31 -35.57 21.77
N VAL B 196 -17.14 -35.80 20.47
CA VAL B 196 -17.81 -36.90 19.82
C VAL B 196 -17.19 -38.27 20.06
N THR B 197 -15.89 -38.40 19.84
CA THR B 197 -15.24 -39.68 19.98
C THR B 197 -14.41 -39.87 21.24
N GLY B 198 -14.21 -38.79 21.99
CA GLY B 198 -13.26 -38.84 23.09
C GLY B 198 -11.80 -38.84 22.69
N GLN B 199 -11.51 -38.73 21.40
CA GLN B 199 -10.11 -38.71 20.96
C GLN B 199 -9.53 -37.29 20.91
N SER B 200 -8.23 -37.19 20.63
CA SER B 200 -7.54 -35.92 20.68
C SER B 200 -6.83 -35.56 19.37
N TRP B 201 -6.45 -34.29 19.27
CA TRP B 201 -5.77 -33.73 18.11
C TRP B 201 -4.67 -34.68 17.69
N PRO B 202 -4.72 -35.17 16.45
CA PRO B 202 -3.81 -36.24 15.98
C PRO B 202 -2.40 -35.75 15.63
N GLU B 203 -1.42 -36.60 15.88
CA GLU B 203 -0.04 -36.27 15.59
C GLU B 203 0.17 -35.85 14.14
N SER B 204 -0.52 -36.53 13.22
CA SER B 204 -0.45 -36.14 11.82
C SER B 204 -0.79 -34.65 11.62
N LEU B 205 -1.78 -34.16 12.36
CA LEU B 205 -2.13 -32.74 12.26
C LEU B 205 -1.12 -31.85 13.00
N ALA B 206 -0.60 -32.33 14.11
CA ALA B 206 0.44 -31.59 14.84
C ALA B 206 1.66 -31.37 13.95
N GLN B 207 2.00 -32.40 13.17
CA GLN B 207 3.15 -32.34 12.26
C GLN B 207 2.90 -31.36 11.12
N GLN B 208 1.75 -31.52 10.48
CA GLN B 208 1.42 -30.70 9.32
C GLN B 208 1.30 -29.22 9.71
N THR B 209 0.60 -28.95 10.81
CA THR B 209 0.30 -27.59 11.22
C THR B 209 1.40 -26.91 12.05
N GLY B 210 2.26 -27.72 12.68
CA GLY B 210 3.19 -27.18 13.68
C GLY B 210 2.54 -26.86 15.04
N TYR B 211 1.22 -27.03 15.16
CA TYR B 211 0.55 -26.82 16.44
C TYR B 211 0.47 -28.09 17.28
N THR B 212 1.12 -28.09 18.44
CA THR B 212 0.91 -29.15 19.43
C THR B 212 -0.41 -28.88 20.13
N LEU B 213 -0.96 -29.91 20.76
CA LEU B 213 -2.17 -29.74 21.55
C LEU B 213 -1.98 -28.60 22.56
N GLU B 214 -0.81 -28.59 23.19
CA GLU B 214 -0.43 -27.53 24.12
C GLU B 214 -0.61 -26.12 23.54
N SER B 215 -0.14 -25.91 22.32
CA SER B 215 -0.24 -24.59 21.69
C SER B 215 -1.68 -24.24 21.31
N LEU B 216 -2.57 -25.22 21.31
CA LEU B 216 -3.98 -24.94 21.04
C LEU B 216 -4.71 -24.51 22.30
N LYS B 217 -4.09 -24.76 23.45
CA LYS B 217 -4.76 -24.60 24.73
C LYS B 217 -5.45 -23.26 24.96
N PRO B 218 -4.72 -22.14 24.79
CA PRO B 218 -5.36 -20.85 25.10
C PRO B 218 -6.63 -20.64 24.29
N CYS B 219 -6.57 -20.91 22.99
CA CYS B 219 -7.74 -20.80 22.12
C CYS B 219 -8.80 -21.82 22.52
N LEU B 220 -8.35 -23.01 22.90
CA LEU B 220 -9.23 -24.09 23.29
C LEU B 220 -10.00 -23.75 24.58
N VAL B 221 -9.31 -23.14 25.54
CA VAL B 221 -9.98 -22.71 26.76
C VAL B 221 -11.13 -21.77 26.41
N ASP B 222 -10.88 -20.83 25.51
CA ASP B 222 -11.90 -19.88 25.08
C ASP B 222 -13.07 -20.56 24.38
N LEU B 223 -12.75 -21.45 23.45
CA LEU B 223 -13.77 -22.12 22.64
C LEU B 223 -14.64 -23.03 23.51
N HIS B 224 -14.03 -23.65 24.51
CA HIS B 224 -14.77 -24.53 25.39
C HIS B 224 -15.79 -23.70 26.18
N GLN B 225 -15.36 -22.54 26.66
CA GLN B 225 -16.24 -21.64 27.40
C GLN B 225 -17.38 -21.18 26.51
N THR B 226 -17.03 -20.75 25.31
CA THR B 226 -18.01 -20.32 24.34
C THR B 226 -19.05 -21.43 24.08
N TYR B 227 -18.56 -22.66 23.97
CA TYR B 227 -19.41 -23.82 23.73
C TYR B 227 -20.36 -24.05 24.93
N LEU B 228 -19.78 -24.08 26.12
CA LEU B 228 -20.59 -24.25 27.34
C LEU B 228 -21.69 -23.18 27.46
N LYS B 229 -21.36 -21.93 27.08
CA LYS B 229 -22.27 -20.80 27.29
C LYS B 229 -23.18 -20.48 26.10
N ALA B 230 -23.06 -21.25 25.04
CA ALA B 230 -23.80 -20.98 23.81
C ALA B 230 -25.32 -20.86 23.97
N PRO B 231 -25.94 -21.74 24.79
CA PRO B 231 -27.39 -21.60 24.95
C PRO B 231 -27.82 -20.31 25.68
N GLN B 232 -26.88 -19.67 26.38
CA GLN B 232 -27.14 -18.40 27.08
C GLN B 232 -26.80 -17.12 26.28
N HIS B 233 -26.09 -17.27 25.17
CA HIS B 233 -25.56 -16.14 24.42
C HIS B 233 -26.72 -15.32 23.84
N ALA B 234 -26.60 -14.00 23.77
CA ALA B 234 -27.64 -13.20 23.15
C ALA B 234 -27.89 -13.56 21.68
N GLN B 235 -26.85 -13.97 20.95
CA GLN B 235 -27.03 -14.36 19.56
C GLN B 235 -27.23 -15.88 19.39
N GLN B 236 -28.37 -16.24 18.81
CA GLN B 236 -28.80 -17.65 18.71
C GLN B 236 -28.85 -18.31 17.33
N SER B 237 -28.57 -17.56 16.27
CA SER B 237 -28.82 -18.07 14.92
C SER B 237 -27.97 -19.30 14.58
N ILE B 238 -26.73 -19.34 15.03
CA ILE B 238 -25.87 -20.48 14.69
C ILE B 238 -26.38 -21.76 15.38
N ARG B 239 -26.71 -21.67 16.67
CA ARG B 239 -27.34 -22.81 17.34
C ARG B 239 -28.58 -23.29 16.61
N GLU B 240 -29.46 -22.37 16.21
CA GLU B 240 -30.67 -22.79 15.52
C GLU B 240 -30.29 -23.50 14.22
N LYS B 241 -29.33 -22.93 13.49
CA LYS B 241 -28.91 -23.51 12.22
C LYS B 241 -28.40 -24.96 12.40
N TYR B 242 -27.59 -25.19 13.42
CA TYR B 242 -26.97 -26.49 13.63
C TYR B 242 -27.80 -27.49 14.45
N LYS B 243 -29.06 -27.13 14.76
CA LYS B 243 -30.01 -28.10 15.29
C LYS B 243 -30.56 -29.01 14.21
N HIS B 244 -30.42 -28.60 12.95
CA HIS B 244 -30.96 -29.31 11.82
C HIS B 244 -30.25 -30.67 11.59
N SER B 245 -30.97 -31.63 11.04
CA SER B 245 -30.43 -32.97 10.80
C SER B 245 -29.29 -32.97 9.77
N LYS B 246 -29.33 -32.04 8.81
CA LYS B 246 -28.23 -31.93 7.84
C LYS B 246 -26.90 -31.72 8.57
N TYR B 247 -26.96 -31.11 9.73
CA TYR B 247 -25.81 -30.95 10.63
C TYR B 247 -25.76 -31.99 11.76
N HIS B 248 -26.60 -33.03 11.65
CA HIS B 248 -26.66 -34.06 12.68
C HIS B 248 -27.08 -33.47 14.02
N SER B 249 -27.79 -32.35 13.97
CA SER B 249 -28.27 -31.68 15.18
C SER B 249 -27.17 -31.51 16.23
N VAL B 250 -25.95 -31.20 15.80
CA VAL B 250 -24.82 -31.15 16.73
C VAL B 250 -24.95 -30.06 17.79
N SER B 251 -25.71 -29.00 17.50
CA SER B 251 -25.86 -27.94 18.50
C SER B 251 -26.68 -28.41 19.72
N LEU B 252 -27.36 -29.56 19.60
CA LEU B 252 -28.05 -30.16 20.74
C LEU B 252 -27.16 -31.05 21.61
N LEU B 253 -25.97 -31.36 21.14
CA LEU B 253 -25.03 -32.17 21.93
C LEU B 253 -24.53 -31.38 23.14
N ASN B 254 -24.41 -32.07 24.27
CA ASN B 254 -23.87 -31.48 25.48
C ASN B 254 -22.36 -31.39 25.43
N PRO B 255 -21.81 -30.20 25.71
CA PRO B 255 -20.35 -30.04 25.72
C PRO B 255 -19.74 -30.89 26.81
N PRO B 256 -18.48 -31.31 26.63
CA PRO B 256 -17.83 -31.98 27.76
C PRO B 256 -17.70 -30.96 28.90
N GLU B 257 -17.84 -31.40 30.14
CA GLU B 257 -17.78 -30.49 31.28
C GLU B 257 -16.35 -30.00 31.51
N THR B 258 -15.38 -30.88 31.28
CA THR B 258 -13.99 -30.51 31.44
C THR B 258 -13.21 -30.97 30.23
N LEU B 259 -12.08 -30.31 29.99
CA LEU B 259 -11.14 -30.76 28.97
C LEU B 259 -10.09 -31.62 29.61
N SER B 260 -9.80 -32.77 29.01
CA SER B 260 -8.64 -33.54 29.43
C SER B 260 -7.47 -32.81 28.79
N VAL B 261 -6.57 -32.30 29.62
CA VAL B 261 -5.59 -31.32 29.15
C VAL B 261 -4.74 -30.81 30.30
N GLY C 1 -14.39 7.33 0.90
CA GLY C 1 -14.58 7.09 -0.53
C GLY C 1 -14.00 8.14 -1.47
N HIS C 2 -14.75 8.44 -2.53
CA HIS C 2 -14.37 9.46 -3.50
C HIS C 2 -15.37 10.62 -3.45
N MET C 3 -15.17 11.64 -4.28
CA MET C 3 -15.87 12.92 -4.15
C MET C 3 -17.41 12.86 -4.09
N GLU C 4 -18.02 12.00 -4.91
CA GLU C 4 -19.46 11.85 -4.90
C GLU C 4 -19.95 11.25 -3.58
N ASN C 5 -19.03 10.66 -2.81
CA ASN C 5 -19.42 10.05 -1.53
C ASN C 5 -19.35 10.99 -0.34
N PHE C 6 -18.98 12.26 -0.56
CA PHE C 6 -19.03 13.24 0.52
C PHE C 6 -20.17 14.22 0.39
N GLN C 7 -20.90 14.38 1.48
CA GLN C 7 -21.94 15.41 1.57
C GLN C 7 -21.38 16.61 2.33
N LYS C 8 -21.27 17.76 1.67
CA LYS C 8 -20.81 18.96 2.35
C LYS C 8 -21.85 19.47 3.33
N VAL C 9 -21.41 19.72 4.56
CA VAL C 9 -22.30 20.15 5.63
C VAL C 9 -22.22 21.67 5.80
N GLU C 10 -21.05 22.19 6.13
CA GLU C 10 -20.83 23.63 6.20
C GLU C 10 -19.37 24.04 5.91
N LYS C 11 -19.18 25.29 5.49
CA LYS C 11 -17.83 25.80 5.34
C LYS C 11 -17.35 26.20 6.72
N ILE C 12 -16.30 25.53 7.22
N ILE C 12 -16.25 25.57 7.15
CA ILE C 12 -15.93 25.70 8.63
CA ILE C 12 -15.50 25.98 8.34
C ILE C 12 -14.75 26.63 8.92
C ILE C 12 -14.21 26.78 8.08
N GLY C 13 -14.14 27.17 7.89
N GLY C 13 -13.84 26.99 6.82
CA GLY C 13 -12.99 28.02 8.11
CA GLY C 13 -12.57 27.64 6.53
C GLY C 13 -12.17 28.24 6.86
C GLY C 13 -12.39 28.20 5.13
N GLU C 14 -11.22 29.15 6.99
N GLU C 14 -11.50 29.21 5.03
CA GLU C 14 -10.33 29.49 5.90
CA GLU C 14 -11.25 29.91 3.78
C GLU C 14 -9.02 29.96 6.51
C GLU C 14 -9.79 30.36 3.64
N GLY C 15 -7.99 30.02 5.68
N GLY C 15 -9.22 30.15 2.46
CA GLY C 15 -6.73 30.63 6.03
CA GLY C 15 -7.85 30.56 2.21
C GLY C 15 -6.10 31.06 4.72
C GLY C 15 -7.60 30.83 0.74
N THR C 16 -4.88 31.55 4.76
N THR C 16 -6.42 31.34 0.42
CA THR C 16 -4.21 31.96 3.53
CA THR C 16 -6.04 31.51 -0.98
C THR C 16 -4.27 30.84 2.49
C THR C 16 -5.82 30.11 -1.56
N TYR C 17 -3.83 29.65 2.89
N TYR C 17 -5.32 29.22 -0.72
CA TYR C 17 -3.64 28.52 1.97
CA TYR C 17 -5.12 27.83 -1.10
C TYR C 17 -4.82 27.59 1.61
C TYR C 17 -6.42 27.21 -1.58
N GLY C 18 -5.82 27.45 2.48
N GLY C 18 -7.52 27.58 -0.93
CA GLY C 18 -6.87 26.48 2.20
CA GLY C 18 -8.81 26.98 -1.18
C GLY C 18 -8.28 26.73 2.66
C GLY C 18 -9.73 27.17 0.00
N VAL C 19 -9.22 26.09 1.98
N VAL C 19 -10.70 26.27 0.14
CA VAL C 19 -10.65 26.20 2.26
CA VAL C 19 -11.63 26.35 1.27
C VAL C 19 -11.17 24.89 2.84
C VAL C 19 -11.72 25.01 2.03
N VAL C 20 -11.80 24.96 4.01
N VAL C 20 -12.15 25.09 3.29
CA VAL C 20 -12.20 23.77 4.75
CA VAL C 20 -12.31 23.91 4.13
C VAL C 20 -13.72 23.63 4.87
C VAL C 20 -13.76 23.72 4.56
N TYR C 21 -14.25 22.48 4.45
CA TYR C 21 -15.66 22.16 4.71
C TYR C 21 -15.79 21.05 5.73
N LYS C 22 -16.82 21.16 6.56
CA LYS C 22 -17.28 20.00 7.30
C LYS C 22 -18.10 19.15 6.33
N ALA C 23 -17.82 17.85 6.29
CA ALA C 23 -18.53 17.00 5.36
C ALA C 23 -18.76 15.64 5.98
N ARG C 24 -19.67 14.88 5.40
CA ARG C 24 -19.92 13.52 5.87
C ARG C 24 -19.83 12.52 4.72
N ASN C 25 -19.21 11.39 5.03
CA ASN C 25 -19.15 10.28 4.11
C ASN C 25 -20.55 9.70 4.03
N LYS C 26 -21.12 9.66 2.83
CA LYS C 26 -22.51 9.25 2.68
C LYS C 26 -22.68 7.76 2.89
N LEU C 27 -21.61 7.00 2.62
CA LEU C 27 -21.61 5.57 2.84
C LEU C 27 -21.41 5.11 4.29
N THR C 28 -20.40 5.65 4.95
CA THR C 28 -20.06 5.22 6.30
C THR C 28 -20.54 6.12 7.43
N GLY C 29 -21.09 7.28 7.09
CA GLY C 29 -21.48 8.26 8.10
C GLY C 29 -20.37 9.09 8.75
N GLU C 30 -19.12 8.78 8.44
CA GLU C 30 -17.98 9.45 9.06
C GLU C 30 -17.96 10.96 8.78
N VAL C 31 -17.78 11.77 9.82
CA VAL C 31 -17.70 13.22 9.66
C VAL C 31 -16.23 13.58 9.46
N VAL C 32 -15.95 14.41 8.47
CA VAL C 32 -14.58 14.77 8.15
C VAL C 32 -14.47 16.27 7.94
N ALA C 33 -13.24 16.79 7.92
CA ALA C 33 -12.97 18.09 7.35
C ALA C 33 -12.31 17.90 5.98
N LEU C 34 -12.88 18.55 4.97
CA LEU C 34 -12.36 18.51 3.61
C LEU C 34 -11.63 19.80 3.29
N LYS C 35 -10.32 19.72 3.08
CA LYS C 35 -9.55 20.89 2.71
C LYS C 35 -9.38 20.86 1.20
N LYS C 36 -9.96 21.83 0.52
CA LYS C 36 -9.97 21.83 -0.94
C LYS C 36 -8.91 22.75 -1.47
N ILE C 37 -8.07 22.22 -2.35
CA ILE C 37 -7.01 23.00 -2.97
C ILE C 37 -7.21 23.06 -4.49
N ARG C 38 -7.23 24.26 -5.04
CA ARG C 38 -7.52 24.43 -6.46
CA ARG C 38 -7.52 24.44 -6.46
C ARG C 38 -6.26 24.38 -7.31
N LEU C 39 -6.20 23.37 -8.18
CA LEU C 39 -5.12 23.24 -9.16
C LEU C 39 -5.36 24.10 -10.39
N ASP C 40 -6.63 24.30 -10.74
CA ASP C 40 -6.98 25.07 -11.93
C ASP C 40 -6.43 26.49 -11.87
N THR C 41 -6.60 27.16 -10.73
CA THR C 41 -5.98 28.45 -10.51
C THR C 41 -4.46 28.29 -10.58
N GLU C 42 -4.00 27.04 -10.46
CA GLU C 42 -2.59 26.75 -10.48
C GLU C 42 -2.12 26.15 -11.82
N THR C 43 -1.41 26.95 -12.60
CA THR C 43 -0.76 26.44 -13.81
C THR C 43 0.71 26.19 -13.50
N GLU C 44 0.99 26.09 -12.21
CA GLU C 44 2.26 25.57 -11.68
C GLU C 44 2.14 24.14 -11.15
N GLY C 45 0.99 23.52 -11.32
CA GLY C 45 0.78 22.17 -10.84
C GLY C 45 0.41 22.12 -9.37
N VAL C 46 0.78 21.05 -8.67
CA VAL C 46 0.47 20.96 -7.24
C VAL C 46 1.32 21.96 -6.42
N PRO C 47 0.68 22.76 -5.56
CA PRO C 47 1.43 23.74 -4.75
C PRO C 47 2.40 23.07 -3.79
N SER C 48 3.58 23.66 -3.67
CA SER C 48 4.60 23.24 -2.71
C SER C 48 4.03 23.09 -1.28
N THR C 49 3.17 24.02 -0.89
CA THR C 49 2.56 23.93 0.43
C THR C 49 1.76 22.63 0.62
N ALA C 50 1.03 22.20 -0.41
CA ALA C 50 0.25 20.95 -0.33
C ALA C 50 1.16 19.71 -0.36
N ILE C 51 2.18 19.73 -1.21
CA ILE C 51 3.17 18.66 -1.26
C ILE C 51 3.81 18.45 0.11
N ARG C 52 4.28 19.53 0.75
CA ARG C 52 4.86 19.39 2.08
C ARG C 52 3.83 18.95 3.14
N GLU C 53 2.66 19.57 3.11
CA GLU C 53 1.62 19.25 4.10
C GLU C 53 1.29 17.76 4.06
N ILE C 54 1.09 17.24 2.85
CA ILE C 54 0.71 15.83 2.73
C ILE C 54 1.87 14.91 3.08
N SER C 55 3.06 15.14 2.51
CA SER C 55 4.17 14.19 2.72
C SER C 55 4.55 14.14 4.20
N LEU C 56 4.49 15.30 4.86
CA LEU C 56 4.87 15.37 6.27
C LEU C 56 3.79 14.86 7.22
N LEU C 57 2.53 15.20 6.94
CA LEU C 57 1.45 14.64 7.80
C LEU C 57 1.42 13.12 7.74
N LYS C 58 1.75 12.55 6.58
CA LYS C 58 1.72 11.09 6.49
C LYS C 58 2.79 10.46 7.37
N GLU C 59 3.83 11.23 7.68
CA GLU C 59 4.89 10.69 8.53
C GLU C 59 4.58 10.92 10.01
N LEU C 60 3.62 11.80 10.31
CA LEU C 60 3.42 12.11 11.70
C LEU C 60 2.14 11.47 12.19
N ASN C 61 2.29 10.37 12.92
CA ASN C 61 1.15 9.68 13.49
C ASN C 61 1.32 9.81 15.00
N HIS C 62 0.54 10.71 15.59
CA HIS C 62 0.61 11.00 17.03
C HIS C 62 -0.78 11.44 17.48
N PRO C 63 -1.16 11.15 18.74
CA PRO C 63 -2.46 11.56 19.31
C PRO C 63 -2.71 13.09 19.29
N ASN C 64 -1.65 13.88 19.36
CA ASN C 64 -1.71 15.35 19.32
C ASN C 64 -1.48 16.05 17.97
N ILE C 65 -1.46 15.25 16.92
CA ILE C 65 -1.37 15.78 15.58
C ILE C 65 -2.58 15.30 14.79
N VAL C 66 -3.23 16.24 14.11
CA VAL C 66 -4.42 15.93 13.32
C VAL C 66 -4.16 14.79 12.32
N LYS C 67 -5.12 13.87 12.17
CA LYS C 67 -4.96 12.75 11.23
C LYS C 67 -5.45 13.11 9.83
N LEU C 68 -4.59 12.84 8.85
CA LEU C 68 -4.97 12.92 7.45
C LEU C 68 -5.51 11.56 7.03
N LEU C 69 -6.78 11.51 6.65
CA LEU C 69 -7.46 10.26 6.32
C LEU C 69 -7.25 9.80 4.88
N ASP C 70 -7.27 10.77 3.97
CA ASP C 70 -7.25 10.47 2.55
C ASP C 70 -6.79 11.69 1.77
N VAL C 71 -6.39 11.45 0.53
CA VAL C 71 -6.05 12.52 -0.40
C VAL C 71 -6.69 12.16 -1.71
N ILE C 72 -7.48 13.07 -2.25
CA ILE C 72 -8.11 12.83 -3.55
C ILE C 72 -7.55 13.82 -4.53
N HIS C 73 -6.85 13.30 -5.53
CA HIS C 73 -6.12 14.14 -6.46
C HIS C 73 -6.73 13.98 -7.84
N THR C 74 -7.42 15.00 -8.32
CA THR C 74 -7.93 14.99 -9.67
C THR C 74 -7.07 15.91 -10.51
N GLU C 75 -7.37 16.03 -11.79
CA GLU C 75 -6.60 16.93 -12.63
C GLU C 75 -6.83 18.37 -12.19
N ASN C 76 -8.10 18.71 -11.95
CA ASN C 76 -8.48 20.05 -11.52
C ASN C 76 -8.36 20.35 -10.02
N LYS C 77 -8.41 19.32 -9.19
CA LYS C 77 -8.57 19.59 -7.75
C LYS C 77 -7.80 18.65 -6.85
N LEU C 78 -7.44 19.16 -5.68
CA LEU C 78 -6.75 18.37 -4.67
C LEU C 78 -7.54 18.49 -3.37
N TYR C 79 -8.05 17.37 -2.87
CA TYR C 79 -8.74 17.35 -1.58
C TYR C 79 -7.94 16.62 -0.52
N LEU C 80 -7.70 17.25 0.61
CA LEU C 80 -7.17 16.57 1.76
C LEU C 80 -8.33 16.28 2.72
N VAL C 81 -8.47 15.02 3.11
CA VAL C 81 -9.54 14.60 4.03
C VAL C 81 -8.96 14.36 5.42
N PHE C 82 -9.44 15.12 6.40
CA PHE C 82 -8.93 15.06 7.77
C PHE C 82 -10.03 14.56 8.72
N GLU C 83 -9.62 14.03 9.86
CA GLU C 83 -10.57 13.73 10.92
C GLU C 83 -11.20 15.07 11.32
N PHE C 84 -12.47 15.06 11.70
CA PHE C 84 -13.12 16.29 12.12
C PHE C 84 -12.99 16.48 13.64
N LEU C 85 -12.57 17.68 14.06
CA LEU C 85 -12.60 18.00 15.49
C LEU C 85 -13.53 19.20 15.77
N HIS C 86 -14.08 19.24 16.97
CA HIS C 86 -15.13 20.19 17.31
C HIS C 86 -14.85 21.63 16.88
N GLN C 87 -13.69 22.16 17.24
CA GLN C 87 -13.40 23.55 16.89
C GLN C 87 -11.94 23.84 17.12
N ASP C 88 -11.50 25.04 16.75
CA ASP C 88 -10.09 25.35 17.00
C ASP C 88 -10.00 26.11 18.32
N LEU C 89 -8.77 26.36 18.75
CA LEU C 89 -8.54 26.93 20.07
C LEU C 89 -8.87 28.41 20.09
N LYS C 90 -8.81 29.06 18.92
CA LYS C 90 -9.17 30.46 18.86
C LYS C 90 -10.66 30.62 19.21
N LYS C 91 -11.51 29.82 18.58
CA LYS C 91 -12.95 29.89 18.86
C LYS C 91 -13.23 29.54 20.31
N PHE C 92 -12.54 28.53 20.86
CA PHE C 92 -12.69 28.23 22.28
C PHE C 92 -12.33 29.42 23.18
N MET C 93 -11.16 30.01 22.92
CA MET C 93 -10.70 31.17 23.67
C MET C 93 -11.73 32.29 23.62
N ASP C 94 -12.26 32.55 22.44
CA ASP C 94 -13.24 33.61 22.28
C ASP C 94 -14.48 33.33 23.12
N ALA C 95 -14.90 32.06 23.16
CA ALA C 95 -16.09 31.71 23.93
C ALA C 95 -15.77 31.71 25.42
N SER C 96 -14.48 31.61 25.75
CA SER C 96 -14.03 31.60 27.14
C SER C 96 -13.59 32.97 27.66
N ALA C 97 -13.67 33.99 26.81
CA ALA C 97 -13.04 35.28 27.10
C ALA C 97 -13.58 35.98 28.37
N LEU C 98 -14.87 35.82 28.63
CA LEU C 98 -15.47 36.38 29.83
C LEU C 98 -15.09 35.58 31.07
N THR C 99 -15.26 34.26 30.99
CA THR C 99 -15.02 33.37 32.12
C THR C 99 -13.56 32.99 32.36
N GLY C 100 -12.83 32.72 31.28
CA GLY C 100 -11.47 32.23 31.36
C GLY C 100 -11.42 30.71 31.28
N ILE C 101 -10.34 30.17 30.71
CA ILE C 101 -10.12 28.73 30.65
C ILE C 101 -9.60 28.27 32.01
N PRO C 102 -10.21 27.22 32.60
CA PRO C 102 -9.74 26.80 33.92
C PRO C 102 -8.28 26.36 33.88
N LEU C 103 -7.55 26.65 34.95
CA LEU C 103 -6.12 26.37 34.98
C LEU C 103 -5.74 24.92 34.65
N PRO C 104 -6.50 23.94 35.19
CA PRO C 104 -6.17 22.54 34.86
C PRO C 104 -6.27 22.27 33.36
N LEU C 105 -7.21 22.92 32.68
CA LEU C 105 -7.36 22.73 31.22
C LEU C 105 -6.24 23.43 30.43
N ILE C 106 -5.83 24.61 30.89
CA ILE C 106 -4.71 25.30 30.24
C ILE C 106 -3.46 24.43 30.30
N LYS C 107 -3.18 23.90 31.49
CA LYS C 107 -2.04 23.02 31.68
C LYS C 107 -2.13 21.75 30.82
N SER C 108 -3.32 21.17 30.75
CA SER C 108 -3.51 19.99 29.93
C SER C 108 -3.22 20.25 28.45
N TYR C 109 -3.79 21.32 27.93
CA TYR C 109 -3.60 21.69 26.52
C TYR C 109 -2.12 21.98 26.19
N LEU C 110 -1.45 22.72 27.08
CA LEU C 110 -0.08 23.04 26.86
C LEU C 110 0.76 21.76 26.83
N PHE C 111 0.47 20.86 27.76
CA PHE C 111 1.16 19.58 27.87
C PHE C 111 0.98 18.77 26.60
N GLN C 112 -0.22 18.77 26.05
CA GLN C 112 -0.50 17.99 24.85
C GLN C 112 0.15 18.63 23.63
N LEU C 113 0.08 19.95 23.56
CA LEU C 113 0.71 20.69 22.46
C LEU C 113 2.21 20.42 22.42
N LEU C 114 2.85 20.41 23.58
CA LEU C 114 4.27 20.09 23.70
C LEU C 114 4.56 18.63 23.30
N GLN C 115 3.65 17.71 23.62
CA GLN C 115 3.83 16.33 23.18
C GLN C 115 3.76 16.21 21.66
N GLY C 116 2.82 16.91 21.04
CA GLY C 116 2.72 16.89 19.59
C GLY C 116 3.95 17.53 18.97
N LEU C 117 4.38 18.66 19.53
CA LEU C 117 5.48 19.41 18.96
C LEU C 117 6.80 18.65 19.12
N ALA C 118 7.01 18.03 20.28
CA ALA C 118 8.24 17.25 20.46
C ALA C 118 8.31 16.13 19.43
N PHE C 119 7.15 15.59 19.07
CA PHE C 119 7.10 14.47 18.12
C PHE C 119 7.50 14.99 16.73
N CYS C 120 6.98 16.16 16.37
CA CYS C 120 7.38 16.84 15.14
C CYS C 120 8.90 17.02 15.05
N HIS C 121 9.46 17.63 16.08
CA HIS C 121 10.87 18.00 16.08
C HIS C 121 11.76 16.75 16.04
N SER C 122 11.34 15.71 16.75
CA SER C 122 12.03 14.42 16.75
C SER C 122 11.97 13.72 15.38
N HIS C 123 10.97 14.11 14.61
CA HIS C 123 10.75 13.68 13.23
C HIS C 123 11.31 14.65 12.16
N ARG C 124 12.10 15.64 12.61
CA ARG C 124 12.74 16.66 11.76
C ARG C 124 11.75 17.49 10.97
N VAL C 125 10.65 17.82 11.64
CA VAL C 125 9.63 18.68 11.05
C VAL C 125 9.47 19.95 11.89
N LEU C 126 9.63 21.10 11.25
CA LEU C 126 9.26 22.37 11.86
C LEU C 126 7.84 22.68 11.44
N HIS C 127 6.98 23.08 12.38
CA HIS C 127 5.63 23.52 12.01
C HIS C 127 5.54 24.91 11.36
N ARG C 128 6.10 25.92 12.01
CA ARG C 128 6.25 27.27 11.48
C ARG C 128 4.98 28.13 11.37
N ASP C 129 3.85 27.62 11.82
CA ASP C 129 2.62 28.40 11.81
C ASP C 129 1.75 28.15 13.03
N LEU C 130 2.35 28.01 14.20
CA LEU C 130 1.55 27.73 15.36
C LEU C 130 0.85 28.99 15.83
N LYS C 131 -0.47 28.93 15.82
CA LYS C 131 -1.35 29.98 16.36
C LYS C 131 -2.66 29.31 16.80
N PRO C 132 -3.45 29.93 17.69
CA PRO C 132 -4.65 29.24 18.18
C PRO C 132 -5.58 28.69 17.09
N GLN C 133 -5.74 29.40 15.98
CA GLN C 133 -6.66 28.91 14.95
C GLN C 133 -6.16 27.66 14.21
N ASN C 134 -4.89 27.31 14.41
CA ASN C 134 -4.27 26.11 13.85
C ASN C 134 -4.23 24.94 14.81
N LEU C 135 -4.84 25.13 15.98
CA LEU C 135 -4.86 24.08 16.98
C LEU C 135 -6.33 23.64 17.18
N LEU C 136 -6.54 22.33 17.22
CA LEU C 136 -7.90 21.80 17.17
C LEU C 136 -8.22 21.05 18.46
N ILE C 137 -9.40 21.34 19.05
CA ILE C 137 -9.82 20.63 20.24
C ILE C 137 -11.07 19.76 20.00
N ASN C 138 -11.14 18.64 20.70
CA ASN C 138 -12.36 17.82 20.69
C ASN C 138 -13.17 17.95 21.98
N THR C 139 -14.26 17.20 22.10
CA THR C 139 -15.15 17.30 23.26
C THR C 139 -14.63 16.49 24.44
N GLU C 140 -13.63 15.66 24.22
CA GLU C 140 -13.10 14.81 25.29
C GLU C 140 -11.87 15.37 26.03
N GLY C 141 -11.46 16.58 25.68
CA GLY C 141 -10.26 17.13 26.32
C GLY C 141 -8.97 17.05 25.51
N ALA C 142 -9.02 16.50 24.30
CA ALA C 142 -7.82 16.48 23.44
C ALA C 142 -7.60 17.79 22.69
N ILE C 143 -6.34 18.13 22.43
CA ILE C 143 -5.98 19.20 21.52
C ILE C 143 -4.90 18.70 20.54
N LYS C 144 -4.98 19.16 19.29
CA LYS C 144 -4.05 18.64 18.28
C LYS C 144 -3.46 19.75 17.44
N LEU C 145 -2.20 19.55 17.06
CA LEU C 145 -1.56 20.42 16.08
C LEU C 145 -2.20 20.19 14.73
N ALA C 146 -2.56 21.26 14.05
CA ALA C 146 -3.06 21.12 12.68
C ALA C 146 -2.42 22.14 11.77
N ASP C 147 -2.90 22.15 10.54
CA ASP C 147 -2.44 23.10 9.55
C ASP C 147 -0.93 23.12 9.27
N PHE C 148 -0.49 22.07 8.61
CA PHE C 148 0.93 21.82 8.30
C PHE C 148 1.38 22.43 6.99
N GLY C 149 0.53 23.26 6.41
CA GLY C 149 0.84 23.91 5.16
C GLY C 149 2.14 24.73 5.11
N LEU C 150 2.59 25.25 6.25
CA LEU C 150 3.85 25.99 6.30
C LEU C 150 5.02 25.13 6.80
N ALA C 151 4.73 23.86 7.06
CA ALA C 151 5.75 23.00 7.67
C ALA C 151 6.89 22.64 6.72
N ARG C 152 8.04 22.25 7.29
CA ARG C 152 9.22 21.94 6.49
C ARG C 152 10.02 20.83 7.18
N ALA C 153 10.59 19.92 6.40
CA ALA C 153 11.56 18.97 6.94
C ALA C 153 12.87 19.71 7.04
N PHE C 154 13.56 19.57 8.17
CA PHE C 154 14.79 20.33 8.37
C PHE C 154 16.02 19.49 8.49
N GLY C 155 17.15 20.13 8.19
CA GLY C 155 18.42 19.44 8.15
C GLY C 155 19.15 19.64 9.46
N VAL C 156 20.13 18.77 9.68
CA VAL C 156 20.94 18.75 10.87
C VAL C 156 22.39 18.84 10.42
N PRO C 157 22.99 20.04 10.42
CA PRO C 157 22.46 21.35 10.85
C PRO C 157 21.53 22.00 9.82
N VAL C 158 20.77 22.98 10.28
CA VAL C 158 19.81 23.65 9.42
C VAL C 158 20.55 24.54 8.43
N ARG C 159 19.89 24.87 7.33
CA ARG C 159 20.40 25.94 6.48
C ARG C 159 19.35 27.06 6.46
N THR C 160 19.60 28.12 5.70
CA THR C 160 18.60 29.17 5.58
C THR C 160 17.28 28.69 4.93
N TYR C 161 16.19 28.91 5.64
CA TYR C 161 14.88 28.60 5.11
C TYR C 161 14.08 29.87 4.93
N HIS C 163 12.16 33.06 4.83
CA HIS C 163 12.06 34.12 5.82
C HIS C 163 10.63 34.44 6.25
N GLU C 164 9.65 34.32 5.35
CA GLU C 164 8.26 34.68 5.67
C GLU C 164 7.46 33.50 6.22
N VAL C 165 7.40 33.34 7.53
CA VAL C 165 6.68 32.19 8.04
C VAL C 165 5.51 32.31 9.04
N VAL C 166 5.83 32.47 10.31
CA VAL C 166 4.84 32.56 11.36
C VAL C 166 3.92 33.78 11.32
N THR C 167 2.68 33.61 11.77
CA THR C 167 1.71 34.71 11.79
C THR C 167 2.33 35.75 12.72
N LEU C 168 2.23 37.02 12.39
CA LEU C 168 3.02 38.04 13.08
C LEU C 168 3.01 37.98 14.62
N TRP C 169 1.83 37.90 15.23
CA TRP C 169 1.75 37.91 16.70
C TRP C 169 2.56 36.80 17.37
N TYR C 170 2.72 35.68 16.65
CA TYR C 170 3.39 34.47 17.18
C TYR C 170 4.85 34.29 16.73
N ARG C 171 5.35 35.30 16.02
CA ARG C 171 6.63 35.20 15.32
C ARG C 171 7.83 35.51 16.23
N ALA C 172 8.82 34.62 16.23
CA ALA C 172 9.95 34.73 17.15
C ALA C 172 10.87 35.90 16.78
N PRO C 173 11.60 36.42 17.78
CA PRO C 173 12.47 37.59 17.51
C PRO C 173 13.62 37.28 16.56
N GLU C 174 14.17 36.05 16.55
CA GLU C 174 15.25 35.77 15.58
C GLU C 174 14.76 35.90 14.14
N ILE C 175 13.47 35.66 13.90
CA ILE C 175 12.93 35.85 12.55
C ILE C 175 12.71 37.35 12.27
N LEU C 176 12.11 38.07 13.23
CA LEU C 176 11.92 39.51 13.08
C LEU C 176 13.24 40.25 12.85
N LEU C 177 14.32 39.78 13.48
CA LEU C 177 15.63 40.41 13.35
C LEU C 177 16.42 39.91 12.14
N GLY C 178 15.87 38.93 11.41
CA GLY C 178 16.40 38.59 10.09
C GLY C 178 17.52 37.57 10.09
N CYS C 179 17.57 36.74 11.13
CA CYS C 179 18.64 35.76 11.24
C CYS C 179 18.59 34.89 9.99
N LYS C 180 19.76 34.53 9.45
CA LYS C 180 19.76 33.69 8.27
C LYS C 180 19.38 32.26 8.65
N TYR C 181 19.51 31.93 9.94
CA TYR C 181 19.17 30.60 10.42
C TYR C 181 18.12 30.67 11.52
N TYR C 182 17.10 29.84 11.39
CA TYR C 182 16.18 29.51 12.48
C TYR C 182 15.81 28.01 12.45
N SER C 183 15.22 27.55 13.55
CA SER C 183 15.10 26.14 13.85
C SER C 183 13.91 25.92 14.77
N THR C 184 13.90 24.77 15.42
CA THR C 184 12.80 24.36 16.31
C THR C 184 12.41 25.39 17.35
N ALA C 185 13.35 26.24 17.78
CA ALA C 185 13.05 27.28 18.74
C ALA C 185 11.91 28.21 18.29
N VAL C 186 11.72 28.41 16.99
CA VAL C 186 10.62 29.29 16.58
C VAL C 186 9.28 28.69 17.00
N ASP C 187 9.15 27.36 17.01
CA ASP C 187 7.86 26.77 17.37
C ASP C 187 7.58 26.94 18.86
N ILE C 188 8.63 26.78 19.65
CA ILE C 188 8.54 26.95 21.10
C ILE C 188 8.11 28.39 21.47
N TRP C 189 8.66 29.37 20.77
CA TRP C 189 8.26 30.77 20.98
C TRP C 189 6.74 30.93 20.78
N SER C 190 6.25 30.40 19.66
CA SER C 190 4.83 30.44 19.33
C SER C 190 3.98 29.82 20.43
N LEU C 191 4.42 28.67 20.92
CA LEU C 191 3.70 28.01 22.00
C LEU C 191 3.73 28.84 23.28
N GLY C 192 4.85 29.53 23.53
CA GLY C 192 4.95 30.42 24.68
C GLY C 192 3.88 31.51 24.60
N CYS C 193 3.76 32.11 23.42
CA CYS C 193 2.76 33.14 23.20
C CYS C 193 1.36 32.60 23.40
N ILE C 194 1.13 31.36 22.98
CA ILE C 194 -0.20 30.77 23.09
C ILE C 194 -0.53 30.43 24.54
N PHE C 195 0.47 29.95 25.27
CA PHE C 195 0.34 29.67 26.69
C PHE C 195 -0.14 30.95 27.40
N ALA C 196 0.61 32.04 27.21
CA ALA C 196 0.28 33.30 27.90
C ALA C 196 -1.12 33.78 27.49
N GLU C 197 -1.46 33.56 26.22
CA GLU C 197 -2.75 33.97 25.69
C GLU C 197 -3.90 33.22 26.37
N MET C 198 -3.73 31.91 26.60
CA MET C 198 -4.77 31.16 27.31
C MET C 198 -4.96 31.71 28.72
N VAL C 199 -3.85 32.06 29.37
CA VAL C 199 -3.90 32.52 30.76
C VAL C 199 -4.54 33.90 30.91
N THR C 200 -4.17 34.85 30.04
CA THR C 200 -4.63 36.23 30.23
C THR C 200 -5.84 36.57 29.38
N ARG C 201 -6.26 35.64 28.53
CA ARG C 201 -7.37 35.87 27.61
C ARG C 201 -7.11 36.95 26.55
N ARG C 202 -5.86 37.24 26.26
CA ARG C 202 -5.56 38.17 25.16
C ARG C 202 -4.17 37.87 24.59
N ALA C 203 -3.97 38.19 23.32
CA ALA C 203 -2.69 37.94 22.67
C ALA C 203 -1.58 38.66 23.44
N LEU C 204 -0.48 37.96 23.69
CA LEU C 204 0.62 38.55 24.44
C LEU C 204 1.28 39.72 23.69
N PHE C 205 1.47 39.57 22.38
CA PHE C 205 2.20 40.56 21.57
C PHE C 205 1.43 40.84 20.29
N PRO C 206 0.32 41.59 20.40
CA PRO C 206 -0.50 41.84 19.21
C PRO C 206 0.05 42.98 18.33
N GLY C 207 1.18 42.76 17.67
CA GLY C 207 1.78 43.76 16.80
C GLY C 207 0.99 44.11 15.56
N ASP C 208 1.02 45.38 15.16
CA ASP C 208 0.45 45.77 13.87
C ASP C 208 1.44 45.95 12.72
N SER C 209 2.71 45.66 12.97
CA SER C 209 3.73 45.69 11.93
C SER C 209 4.94 45.00 12.51
N GLU C 210 5.99 44.81 11.72
CA GLU C 210 7.13 44.04 12.21
C GLU C 210 7.88 44.82 13.29
N ILE C 211 8.03 46.11 13.09
CA ILE C 211 8.71 46.92 14.10
C ILE C 211 7.86 47.00 15.38
N ASP C 212 6.56 47.21 15.20
CA ASP C 212 5.66 47.23 16.35
C ASP C 212 5.69 45.90 17.10
N GLN C 213 5.66 44.80 16.35
CA GLN C 213 5.81 43.49 16.95
C GLN C 213 7.09 43.41 17.79
N LEU C 214 8.19 43.80 17.20
CA LEU C 214 9.47 43.74 17.88
C LEU C 214 9.45 44.60 19.14
N PHE C 215 8.91 45.82 19.03
CA PHE C 215 8.94 46.72 20.19
C PHE C 215 8.04 46.21 21.33
N ARG C 216 6.92 45.59 20.99
CA ARG C 216 6.04 45.00 21.99
C ARG C 216 6.77 43.90 22.76
N ILE C 217 7.52 43.06 22.05
CA ILE C 217 8.37 42.08 22.71
C ILE C 217 9.42 42.75 23.62
N PHE C 218 10.13 43.74 23.09
CA PHE C 218 11.15 44.44 23.87
C PHE C 218 10.57 45.10 25.13
N ARG C 219 9.39 45.69 24.99
CA ARG C 219 8.81 46.43 26.11
C ARG C 219 8.47 45.48 27.25
N THR C 220 8.07 44.28 26.88
CA THR C 220 7.74 43.24 27.84
C THR C 220 8.93 42.47 28.42
N LEU C 221 9.80 42.02 27.54
CA LEU C 221 10.90 41.15 27.96
C LEU C 221 12.21 41.88 28.15
N GLY C 222 12.22 43.17 27.82
CA GLY C 222 13.44 43.97 27.88
C GLY C 222 14.11 43.96 26.50
N THR C 223 14.79 45.04 26.13
CA THR C 223 15.49 45.05 24.86
C THR C 223 16.72 44.17 25.00
N PRO C 224 16.89 43.19 24.12
CA PRO C 224 18.04 42.30 24.31
C PRO C 224 19.36 42.96 23.97
N ASP C 225 20.41 42.55 24.66
CA ASP C 225 21.74 43.04 24.36
C ASP C 225 22.69 41.85 24.20
N GLU C 226 23.96 42.15 23.99
CA GLU C 226 24.95 41.13 23.73
C GLU C 226 25.14 40.17 24.91
N VAL C 227 24.78 40.60 26.11
CA VAL C 227 24.89 39.71 27.27
C VAL C 227 23.78 38.65 27.32
N VAL C 228 22.53 39.06 27.13
CA VAL C 228 21.45 38.10 27.19
C VAL C 228 21.38 37.31 25.88
N TRP C 229 21.83 37.94 24.80
CA TRP C 229 21.73 37.31 23.48
C TRP C 229 22.96 37.60 22.60
N PRO C 230 24.06 36.87 22.85
CA PRO C 230 25.28 37.09 22.08
C PRO C 230 24.99 37.03 20.58
N GLY C 231 25.52 38.01 19.84
CA GLY C 231 25.28 38.08 18.42
C GLY C 231 24.13 38.98 18.01
N VAL C 232 23.22 39.28 18.93
CA VAL C 232 22.02 40.03 18.55
C VAL C 232 22.32 41.36 17.82
N THR C 233 23.33 42.11 18.25
CA THR C 233 23.59 43.43 17.67
C THR C 233 24.13 43.34 16.24
N SER C 234 24.50 42.13 15.84
CA SER C 234 24.99 41.87 14.50
C SER C 234 23.93 41.33 13.53
N MET C 235 22.73 41.11 14.04
CA MET C 235 21.63 40.59 13.21
C MET C 235 21.26 41.60 12.15
N PRO C 236 20.90 41.11 10.94
CA PRO C 236 20.70 41.98 9.77
C PRO C 236 19.73 43.13 10.00
N ASP C 237 18.62 42.89 10.70
CA ASP C 237 17.61 43.92 10.97
C ASP C 237 17.66 44.60 12.33
N TYR C 238 18.67 44.29 13.13
CA TYR C 238 18.89 44.99 14.39
C TYR C 238 19.37 46.42 14.12
N LYS C 239 18.87 47.39 14.88
CA LYS C 239 19.43 48.74 14.81
C LYS C 239 19.86 49.17 16.20
N PRO C 240 21.05 49.80 16.32
CA PRO C 240 21.51 50.26 17.63
C PRO C 240 20.63 51.37 18.19
N SER C 241 19.84 52.03 17.34
CA SER C 241 18.90 53.06 17.80
C SER C 241 17.62 52.50 18.49
N PHE C 242 17.42 51.18 18.50
CA PHE C 242 16.24 50.63 19.16
C PHE C 242 16.14 51.11 20.61
N PRO C 243 14.97 51.57 21.04
CA PRO C 243 14.89 51.98 22.44
C PRO C 243 15.31 50.82 23.35
N LYS C 244 15.93 51.16 24.48
CA LYS C 244 16.31 50.15 25.45
C LYS C 244 15.33 50.14 26.60
N TRP C 245 14.49 49.11 26.66
CA TRP C 245 13.49 48.98 27.69
C TRP C 245 13.91 47.92 28.68
N ALA C 246 13.54 48.12 29.93
CA ALA C 246 13.78 47.14 30.97
C ALA C 246 12.73 46.04 30.93
N ARG C 247 13.16 44.84 31.33
CA ARG C 247 12.26 43.70 31.41
C ARG C 247 11.21 43.89 32.51
N GLN C 248 9.95 43.58 32.22
CA GLN C 248 8.88 43.59 33.23
C GLN C 248 8.87 42.32 34.09
N ASP C 249 8.35 42.43 35.31
CA ASP C 249 8.19 41.26 36.16
C ASP C 249 6.97 40.47 35.70
N PHE C 250 7.12 39.15 35.62
CA PHE C 250 6.07 38.31 35.08
C PHE C 250 4.78 38.38 35.90
N SER C 251 4.90 38.82 37.14
CA SER C 251 3.71 39.04 37.97
C SER C 251 2.78 40.01 37.24
N LYS C 252 3.37 40.96 36.52
CA LYS C 252 2.62 41.91 35.72
C LYS C 252 2.16 41.32 34.39
N VAL C 253 3.02 40.53 33.77
CA VAL C 253 2.72 39.95 32.46
C VAL C 253 1.67 38.83 32.49
N VAL C 254 1.81 37.91 33.45
CA VAL C 254 0.90 36.77 33.56
C VAL C 254 0.46 36.56 35.00
N PRO C 255 -0.29 37.52 35.56
CA PRO C 255 -0.67 37.55 36.96
C PRO C 255 -1.25 36.23 37.50
N PRO C 256 -2.10 35.54 36.72
CA PRO C 256 -2.69 34.31 37.25
C PRO C 256 -1.70 33.14 37.39
N LEU C 257 -0.54 33.23 36.75
CA LEU C 257 0.41 32.12 36.75
C LEU C 257 1.18 31.95 38.05
N ASP C 258 1.28 30.70 38.51
CA ASP C 258 2.10 30.39 39.68
C ASP C 258 3.58 30.46 39.35
N GLU C 259 4.43 30.20 40.33
CA GLU C 259 5.88 30.22 40.15
C GLU C 259 6.31 29.25 39.04
N ASP C 260 5.83 28.02 39.09
CA ASP C 260 6.17 27.04 38.05
C ASP C 260 5.76 27.50 36.66
N GLY C 261 4.54 28.04 36.54
CA GLY C 261 4.07 28.52 35.24
C GLY C 261 4.95 29.63 34.67
N ARG C 262 5.30 30.61 35.51
CA ARG C 262 6.12 31.73 35.09
C ARG C 262 7.51 31.29 34.69
N SER C 263 8.05 30.32 35.43
CA SER C 263 9.35 29.76 35.15
C SER C 263 9.33 29.12 33.76
N LEU C 264 8.36 28.25 33.52
CA LEU C 264 8.24 27.61 32.20
C LEU C 264 8.06 28.63 31.08
N LEU C 265 7.16 29.58 31.28
CA LEU C 265 6.89 30.58 30.25
C LEU C 265 8.14 31.39 29.92
N SER C 266 8.89 31.79 30.94
CA SER C 266 10.11 32.58 30.71
C SER C 266 11.16 31.78 29.91
N GLN C 267 11.23 30.48 30.13
CA GLN C 267 12.14 29.65 29.38
C GLN C 267 11.67 29.44 27.93
N MET C 268 10.35 29.49 27.69
CA MET C 268 9.85 29.37 26.32
C MET C 268 10.00 30.69 25.55
N LEU C 269 10.11 31.78 26.30
CA LEU C 269 10.31 33.12 25.77
C LEU C 269 11.76 33.61 25.79
N HIS C 270 12.70 32.74 26.15
CA HIS C 270 14.09 33.13 26.15
C HIS C 270 14.47 33.76 24.80
N TYR C 271 15.19 34.87 24.82
CA TYR C 271 15.60 35.50 23.56
C TYR C 271 16.53 34.63 22.69
N ASP C 272 17.60 34.12 23.28
CA ASP C 272 18.60 33.39 22.54
C ASP C 272 18.04 32.01 22.17
N PRO C 273 17.82 31.78 20.86
CA PRO C 273 17.17 30.52 20.41
C PRO C 273 17.95 29.30 20.89
N ASN C 274 19.26 29.45 21.03
CA ASN C 274 20.08 28.32 21.48
C ASN C 274 19.80 27.92 22.92
N LYS C 275 19.36 28.88 23.74
CA LYS C 275 19.01 28.58 25.13
C LYS C 275 17.52 28.45 25.42
N ARG C 276 16.68 28.71 24.43
CA ARG C 276 15.24 28.65 24.62
C ARG C 276 14.92 27.18 24.93
N ILE C 277 13.97 26.92 25.81
CA ILE C 277 13.68 25.53 26.20
C ILE C 277 13.18 24.68 25.00
N SER C 278 13.61 23.43 24.94
CA SER C 278 13.09 22.51 23.94
C SER C 278 11.71 21.96 24.35
N ALA C 279 10.95 21.46 23.39
CA ALA C 279 9.67 20.81 23.65
C ALA C 279 9.84 19.67 24.64
N LYS C 280 10.85 18.84 24.39
CA LYS C 280 11.15 17.69 25.22
C LYS C 280 11.47 18.09 26.67
N ALA C 281 12.31 19.10 26.84
CA ALA C 281 12.67 19.56 28.17
C ALA C 281 11.48 20.26 28.88
N ALA C 282 10.66 20.98 28.11
CA ALA C 282 9.47 21.61 28.67
C ALA C 282 8.55 20.57 29.29
N LEU C 283 8.41 19.42 28.64
CA LEU C 283 7.52 18.38 29.16
C LEU C 283 7.96 17.89 30.54
N ALA C 284 9.23 18.07 30.86
CA ALA C 284 9.79 17.59 32.12
C ALA C 284 9.77 18.66 33.22
N HIS C 285 9.23 19.83 32.87
CA HIS C 285 9.20 20.95 33.79
C HIS C 285 8.25 20.67 34.96
N PRO C 286 8.62 21.09 36.19
CA PRO C 286 7.76 20.89 37.38
C PRO C 286 6.32 21.37 37.17
N PHE C 287 6.09 22.36 36.33
CA PHE C 287 4.75 22.85 36.06
C PHE C 287 3.78 21.72 35.73
N PHE C 288 4.26 20.68 35.06
CA PHE C 288 3.41 19.58 34.60
C PHE C 288 3.27 18.40 35.57
N GLN C 289 3.87 18.50 36.76
CA GLN C 289 3.82 17.40 37.73
C GLN C 289 2.40 16.91 38.03
N ASP C 290 1.45 17.84 38.11
CA ASP C 290 0.08 17.52 38.50
C ASP C 290 -0.89 17.31 37.34
N VAL C 291 -0.38 17.32 36.11
CA VAL C 291 -1.23 17.41 34.92
C VAL C 291 -2.34 16.36 34.84
N THR C 292 -3.53 16.82 34.43
CA THR C 292 -4.68 15.94 34.28
C THR C 292 -5.27 16.17 32.90
N LYS C 293 -6.36 15.48 32.57
CA LYS C 293 -7.01 15.72 31.29
C LYS C 293 -8.48 16.10 31.46
N PRO C 294 -8.74 17.36 31.83
CA PRO C 294 -10.16 17.70 32.10
C PRO C 294 -10.91 17.82 30.78
N VAL C 295 -12.23 17.74 30.84
CA VAL C 295 -13.09 17.92 29.67
C VAL C 295 -13.41 19.40 29.52
N PRO C 296 -13.34 19.94 28.30
CA PRO C 296 -13.68 21.36 28.16
C PRO C 296 -15.19 21.59 28.26
N HIS C 297 -15.58 22.81 28.61
CA HIS C 297 -16.99 23.17 28.64
C HIS C 297 -17.32 23.82 27.30
N LEU C 298 -18.18 23.15 26.53
CA LEU C 298 -18.52 23.62 25.19
C LEU C 298 -20.00 23.90 25.07
N SER D 1 24.16 30.81 13.73
CA SER D 1 23.56 30.59 15.05
C SER D 1 22.68 29.35 15.04
N ASN D 2 23.26 28.18 14.72
CA ASN D 2 22.51 26.93 14.66
C ASN D 2 22.57 26.07 15.94
N GLU D 3 21.40 25.62 16.40
CA GLU D 3 21.31 24.77 17.59
C GLU D 3 20.54 23.49 17.30
N VAL D 4 21.17 22.32 17.49
CA VAL D 4 20.49 21.05 17.21
C VAL D 4 20.60 19.89 18.23
N PRO D 5 20.97 20.12 19.48
CA PRO D 5 21.25 18.96 20.34
C PRO D 5 20.11 18.03 20.86
N ASP D 6 18.97 18.59 21.30
CA ASP D 6 17.93 17.82 22.03
C ASP D 6 17.34 16.62 21.27
N TYR D 7 16.92 16.88 20.04
CA TYR D 7 16.28 15.90 19.18
C TYR D 7 17.25 15.32 18.13
N GLN D 8 18.51 15.76 18.16
CA GLN D 8 19.48 15.33 17.15
C GLN D 8 19.63 13.83 17.08
N GLU D 9 19.75 13.19 18.23
CA GLU D 9 19.88 11.74 18.23
C GLU D 9 18.60 11.10 17.71
N ASP D 10 17.44 11.61 18.14
CA ASP D 10 16.16 11.12 17.62
C ASP D 10 16.07 11.21 16.10
N ILE D 11 16.52 12.33 15.54
CA ILE D 11 16.40 12.55 14.11
C ILE D 11 17.27 11.53 13.35
N HIS D 12 18.49 11.33 13.83
CA HIS D 12 19.37 10.36 13.17
C HIS D 12 18.71 8.96 13.18
N THR D 13 18.22 8.56 14.35
CA THR D 13 17.56 7.27 14.48
C THR D 13 16.38 7.18 13.51
N TYR D 14 15.55 8.22 13.45
CA TYR D 14 14.41 8.24 12.53
C TYR D 14 14.84 8.14 11.05
N LEU D 15 15.83 8.94 10.66
CA LEU D 15 16.32 8.87 9.30
C LEU D 15 16.83 7.47 8.94
N ARG D 16 17.46 6.80 9.90
CA ARG D 16 17.96 5.43 9.64
C ARG D 16 16.80 4.45 9.42
N GLU D 17 15.67 4.69 10.07
CA GLU D 17 14.47 3.90 9.83
C GLU D 17 13.85 4.20 8.47
N MET D 18 13.77 5.48 8.10
CA MET D 18 13.14 5.87 6.85
C MET D 18 13.97 5.57 5.60
N GLU D 19 15.29 5.47 5.73
CA GLU D 19 16.09 5.21 4.52
C GLU D 19 15.80 3.79 4.01
N VAL D 20 15.56 2.88 4.94
CA VAL D 20 15.14 1.52 4.58
C VAL D 20 13.77 1.53 3.87
N LYS D 21 12.84 2.30 4.41
CA LYS D 21 11.51 2.39 3.81
C LYS D 21 11.47 3.12 2.46
N CYS D 22 12.39 4.05 2.23
CA CYS D 22 12.40 4.87 1.01
C CYS D 22 13.36 4.33 -0.06
N LYS D 23 14.01 3.21 0.22
CA LYS D 23 14.98 2.61 -0.71
C LYS D 23 14.27 2.09 -1.97
N PRO D 24 14.83 2.41 -3.14
CA PRO D 24 14.34 1.86 -4.40
C PRO D 24 14.67 0.36 -4.45
N LYS D 25 14.06 -0.38 -5.37
CA LYS D 25 14.37 -1.81 -5.55
C LYS D 25 15.71 -1.96 -6.25
N VAL D 26 16.67 -2.62 -5.61
CA VAL D 26 18.06 -2.60 -6.11
C VAL D 26 18.22 -3.13 -7.54
N GLY D 27 17.40 -4.10 -7.92
CA GLY D 27 17.60 -4.73 -9.21
C GLY D 27 16.65 -4.24 -10.29
N TYR D 28 16.06 -3.07 -10.11
CA TYR D 28 14.96 -2.67 -10.99
C TYR D 28 15.35 -2.52 -12.45
N MET D 29 16.61 -2.14 -12.72
CA MET D 29 17.02 -1.85 -14.10
C MET D 29 17.02 -3.09 -15.00
N LYS D 30 17.23 -4.27 -14.43
CA LYS D 30 17.18 -5.51 -15.22
C LYS D 30 15.76 -5.81 -15.67
N ARG D 31 14.78 -5.21 -15.00
CA ARG D 31 13.38 -5.42 -15.35
C ARG D 31 12.83 -4.35 -16.28
N GLN D 32 13.59 -3.27 -16.48
CA GLN D 32 13.20 -2.27 -17.47
C GLN D 32 13.57 -2.82 -18.82
N PRO D 33 12.57 -2.95 -19.71
CA PRO D 33 12.85 -3.46 -21.05
C PRO D 33 13.70 -2.49 -21.90
N ASP D 34 13.45 -1.19 -21.80
CA ASP D 34 14.06 -0.22 -22.70
C ASP D 34 15.16 0.74 -22.22
N ILE D 35 15.39 0.85 -20.91
CA ILE D 35 16.36 1.83 -20.41
C ILE D 35 17.47 1.08 -19.69
N THR D 36 18.63 1.72 -19.56
CA THR D 36 19.83 1.06 -19.04
C THR D 36 20.45 1.92 -17.94
N ASN D 37 21.44 1.37 -17.24
CA ASN D 37 22.20 2.16 -16.28
C ASN D 37 22.91 3.33 -16.97
N SER D 38 23.33 3.14 -18.21
CA SER D 38 24.00 4.22 -18.92
C SER D 38 23.06 5.39 -19.22
N MET D 39 21.80 5.10 -19.58
CA MET D 39 20.83 6.19 -19.77
C MET D 39 20.51 6.91 -18.49
N ARG D 40 20.41 6.15 -17.41
CA ARG D 40 20.14 6.73 -16.11
C ARG D 40 21.31 7.68 -15.75
N ALA D 41 22.53 7.28 -16.09
CA ALA D 41 23.72 8.06 -15.75
C ALA D 41 23.69 9.39 -16.49
N ILE D 42 23.29 9.34 -17.75
CA ILE D 42 23.19 10.53 -18.60
C ILE D 42 22.14 11.47 -18.02
N LEU D 43 21.01 10.90 -17.59
CA LEU D 43 19.95 11.67 -16.96
C LEU D 43 20.41 12.37 -15.68
N VAL D 44 21.07 11.65 -14.80
CA VAL D 44 21.45 12.23 -13.52
C VAL D 44 22.49 13.34 -13.73
N ASP D 45 23.41 13.12 -14.65
CA ASP D 45 24.45 14.08 -14.98
C ASP D 45 23.85 15.39 -15.51
N TRP D 46 22.84 15.27 -16.35
CA TRP D 46 22.07 16.41 -16.84
C TRP D 46 21.32 17.15 -15.69
N LEU D 47 20.75 16.40 -14.75
CA LEU D 47 20.09 17.02 -13.58
C LEU D 47 21.09 17.79 -12.72
N VAL D 48 22.32 17.29 -12.60
CA VAL D 48 23.40 18.06 -11.98
C VAL D 48 23.54 19.42 -12.66
N GLU D 49 23.59 19.40 -13.99
CA GLU D 49 23.73 20.65 -14.74
C GLU D 49 22.54 21.56 -14.55
N VAL D 50 21.34 20.96 -14.52
CA VAL D 50 20.12 21.74 -14.32
C VAL D 50 20.15 22.43 -12.94
N GLY D 51 20.55 21.70 -11.92
CA GLY D 51 20.68 22.25 -10.57
C GLY D 51 21.67 23.41 -10.52
N GLU D 52 22.71 23.35 -11.33
CA GLU D 52 23.70 24.43 -11.37
C GLU D 52 23.13 25.64 -12.09
N GLU D 53 22.50 25.42 -13.24
CA GLU D 53 21.90 26.51 -13.99
C GLU D 53 20.88 27.27 -13.14
N TYR D 54 20.06 26.56 -12.37
CA TYR D 54 19.03 27.16 -11.50
C TYR D 54 19.45 27.40 -10.04
N LYS D 55 20.74 27.18 -9.76
CA LYS D 55 21.29 27.43 -8.41
C LYS D 55 20.45 26.71 -7.35
N LEU D 56 20.09 25.46 -7.64
CA LEU D 56 19.35 24.65 -6.68
C LEU D 56 20.28 24.01 -5.65
N GLN D 57 19.72 23.68 -4.48
CA GLN D 57 20.48 23.00 -3.42
C GLN D 57 20.94 21.61 -3.84
N ASN D 58 22.08 21.16 -3.32
CA ASN D 58 22.48 19.77 -3.52
C ASN D 58 21.40 18.79 -3.00
N GLU D 59 20.73 19.15 -1.91
CA GLU D 59 19.67 18.29 -1.42
C GLU D 59 18.60 18.03 -2.48
N THR D 60 18.26 19.06 -3.23
CA THR D 60 17.20 18.91 -4.23
C THR D 60 17.56 17.86 -5.27
N LEU D 61 18.83 17.86 -5.67
CA LEU D 61 19.38 16.91 -6.62
C LEU D 61 19.28 15.49 -6.06
N HIS D 62 19.75 15.30 -4.82
CA HIS D 62 19.63 13.98 -4.19
C HIS D 62 18.19 13.48 -4.07
N LEU D 63 17.26 14.38 -3.71
CA LEU D 63 15.86 13.96 -3.66
C LEU D 63 15.35 13.54 -5.03
N ALA D 64 15.62 14.36 -6.04
CA ALA D 64 15.17 14.04 -7.39
C ALA D 64 15.62 12.61 -7.77
N VAL D 65 16.87 12.30 -7.50
CA VAL D 65 17.38 10.98 -7.87
C VAL D 65 16.62 9.87 -7.12
N ASN D 66 16.40 10.07 -5.82
CA ASN D 66 15.57 9.11 -5.07
C ASN D 66 14.19 8.92 -5.70
N TYR D 67 13.54 10.02 -6.07
CA TYR D 67 12.22 9.92 -6.66
C TYR D 67 12.30 9.13 -7.97
N ILE D 68 13.31 9.41 -8.78
CA ILE D 68 13.45 8.73 -10.06
C ILE D 68 13.61 7.23 -9.88
N ASP D 69 14.52 6.83 -9.00
CA ASP D 69 14.78 5.41 -8.81
C ASP D 69 13.56 4.69 -8.24
N ARG D 70 12.82 5.36 -7.35
CA ARG D 70 11.62 4.73 -6.80
C ARG D 70 10.52 4.62 -7.87
N PHE D 71 10.35 5.66 -8.66
CA PHE D 71 9.39 5.57 -9.77
C PHE D 71 9.73 4.42 -10.73
N LEU D 72 11.00 4.33 -11.13
CA LEU D 72 11.43 3.30 -12.08
C LEU D 72 11.40 1.93 -11.47
N SER D 73 11.34 1.86 -10.15
CA SER D 73 11.21 0.55 -9.48
C SER D 73 9.84 -0.10 -9.72
N SER D 74 8.80 0.72 -9.89
CA SER D 74 7.51 0.15 -10.26
C SER D 74 6.92 0.45 -11.64
N MET D 75 7.56 1.33 -12.41
CA MET D 75 6.96 1.75 -13.69
C MET D 75 7.96 1.53 -14.83
N SER D 76 7.56 0.76 -15.84
CA SER D 76 8.34 0.66 -17.08
C SER D 76 8.29 1.97 -17.88
N VAL D 77 9.44 2.43 -18.35
CA VAL D 77 9.52 3.71 -19.02
C VAL D 77 10.35 3.57 -20.30
N LEU D 78 9.82 4.02 -21.44
CA LEU D 78 10.58 4.01 -22.68
C LEU D 78 11.67 5.09 -22.66
N ARG D 79 12.72 4.88 -23.42
CA ARG D 79 13.87 5.79 -23.34
C ARG D 79 13.50 7.23 -23.72
N GLY D 80 12.50 7.40 -24.58
CA GLY D 80 12.10 8.72 -25.02
C GLY D 80 11.35 9.51 -23.96
N LYS D 81 10.85 8.80 -22.95
CA LYS D 81 10.17 9.44 -21.84
C LYS D 81 11.02 9.57 -20.56
N LEU D 82 12.24 9.01 -20.58
CA LEU D 82 13.04 9.01 -19.37
C LEU D 82 13.33 10.44 -18.87
N GLN D 83 13.62 11.34 -19.79
CA GLN D 83 13.90 12.72 -19.38
C GLN D 83 12.65 13.42 -18.79
N LEU D 84 11.47 12.98 -19.20
CA LEU D 84 10.24 13.59 -18.71
C LEU D 84 10.09 13.19 -17.25
N VAL D 85 10.36 11.92 -16.97
CA VAL D 85 10.31 11.46 -15.58
C VAL D 85 11.31 12.26 -14.73
N GLY D 86 12.50 12.46 -15.26
CA GLY D 86 13.55 13.15 -14.53
C GLY D 86 13.17 14.59 -14.29
N THR D 87 12.57 15.21 -15.30
CA THR D 87 12.19 16.62 -15.19
C THR D 87 11.11 16.82 -14.13
N ALA D 88 10.10 15.96 -14.13
CA ALA D 88 9.04 16.05 -13.15
C ALA D 88 9.59 15.77 -11.75
N ALA D 89 10.49 14.80 -11.66
CA ALA D 89 11.13 14.52 -10.37
C ALA D 89 11.87 15.75 -9.82
N MET D 90 12.56 16.46 -10.69
CA MET D 90 13.35 17.64 -10.28
C MET D 90 12.41 18.77 -9.86
N LEU D 91 11.31 18.92 -10.59
CA LEU D 91 10.28 19.92 -10.23
C LEU D 91 9.71 19.59 -8.86
N LEU D 92 9.36 18.33 -8.63
CA LEU D 92 8.82 17.94 -7.34
C LEU D 92 9.82 18.14 -6.22
N ALA D 93 11.07 17.75 -6.45
CA ALA D 93 12.11 17.91 -5.42
C ALA D 93 12.29 19.41 -5.13
N SER D 94 12.30 20.22 -6.17
CA SER D 94 12.40 21.68 -5.98
C SER D 94 11.23 22.23 -5.14
N LYS D 95 10.03 21.81 -5.48
CA LYS D 95 8.86 22.24 -4.68
C LYS D 95 9.00 21.81 -3.23
N PHE D 96 9.54 20.62 -3.01
CA PHE D 96 9.64 20.14 -1.64
C PHE D 96 10.72 20.92 -0.87
N GLU D 97 11.90 21.01 -1.49
CA GLU D 97 13.11 21.48 -0.82
C GLU D 97 13.46 22.98 -0.86
N GLU D 98 13.20 23.60 -2.02
CA GLU D 98 13.63 24.97 -2.29
C GLU D 98 12.71 26.02 -1.68
N ILE D 99 13.28 27.18 -1.39
CA ILE D 99 12.49 28.34 -1.07
C ILE D 99 11.81 28.76 -2.37
N TYR D 100 12.61 28.80 -3.45
CA TYR D 100 12.16 29.25 -4.78
C TYR D 100 12.31 28.21 -5.87
N PRO D 101 11.30 27.35 -6.01
CA PRO D 101 11.35 26.39 -7.13
C PRO D 101 11.18 27.11 -8.47
N PRO D 102 11.94 26.69 -9.48
CA PRO D 102 11.74 27.29 -10.81
C PRO D 102 10.32 27.03 -11.29
N GLU D 103 9.75 27.93 -12.10
CA GLU D 103 8.41 27.68 -12.61
C GLU D 103 8.43 26.60 -13.69
N VAL D 104 7.27 25.99 -13.95
CA VAL D 104 7.21 24.86 -14.85
C VAL D 104 7.71 25.25 -16.23
N ALA D 105 7.36 26.45 -16.68
CA ALA D 105 7.82 26.93 -17.98
C ALA D 105 9.35 26.89 -18.12
N GLU D 106 10.05 27.02 -17.01
CA GLU D 106 11.51 26.97 -17.03
C GLU D 106 12.03 25.55 -17.17
N PHE D 107 11.34 24.62 -16.52
CA PHE D 107 11.66 23.21 -16.70
C PHE D 107 11.40 22.78 -18.14
N VAL D 108 10.32 23.29 -18.73
CA VAL D 108 10.05 23.01 -20.14
C VAL D 108 11.17 23.57 -21.00
N TYR D 109 11.53 24.85 -20.77
CA TYR D 109 12.63 25.47 -21.51
C TYR D 109 13.92 24.65 -21.41
N ILE D 110 14.25 24.15 -20.23
CA ILE D 110 15.53 23.51 -20.03
C ILE D 110 15.61 22.15 -20.75
N THR D 111 14.46 21.57 -21.12
CA THR D 111 14.46 20.39 -22.00
C THR D 111 14.49 20.76 -23.49
N ASP D 112 14.54 22.07 -23.78
CA ASP D 112 14.49 22.57 -25.16
C ASP D 112 13.16 22.19 -25.84
N ASP D 113 12.06 22.32 -25.11
CA ASP D 113 10.74 22.00 -25.65
C ASP D 113 10.61 20.54 -26.10
N THR D 114 11.33 19.63 -25.46
CA THR D 114 11.15 18.21 -25.75
C THR D 114 9.77 17.75 -25.29
N TYR D 115 9.31 18.33 -24.19
CA TYR D 115 7.99 18.03 -23.64
C TYR D 115 7.21 19.32 -23.44
N SER D 116 5.90 19.22 -23.37
CA SER D 116 5.09 20.43 -23.20
C SER D 116 4.81 20.62 -21.72
N LYS D 117 4.24 21.76 -21.38
CA LYS D 117 3.90 22.05 -20.00
C LYS D 117 2.86 21.05 -19.48
N LYS D 118 1.85 20.79 -20.30
CA LYS D 118 0.84 19.77 -19.99
C LYS D 118 1.48 18.41 -19.64
N GLN D 119 2.44 17.99 -20.45
CA GLN D 119 3.14 16.74 -20.19
C GLN D 119 3.90 16.76 -18.88
N VAL D 120 4.64 17.85 -18.61
CA VAL D 120 5.36 17.90 -17.36
C VAL D 120 4.41 17.87 -16.15
N LEU D 121 3.31 18.61 -16.24
CA LEU D 121 2.35 18.64 -15.14
C LEU D 121 1.62 17.29 -14.95
N ARG D 122 1.29 16.67 -16.06
CA ARG D 122 0.67 15.34 -16.02
C ARG D 122 1.64 14.31 -15.45
N MET D 123 2.90 14.41 -15.82
CA MET D 123 3.92 13.52 -15.25
C MET D 123 4.11 13.78 -13.75
N GLU D 124 4.06 15.06 -13.36
CA GLU D 124 4.13 15.39 -11.94
C GLU D 124 3.04 14.65 -11.16
N HIS D 125 1.80 14.72 -11.65
CA HIS D 125 0.67 13.98 -11.06
C HIS D 125 0.96 12.45 -10.98
N LEU D 126 1.44 11.86 -12.05
CA LEU D 126 1.74 10.42 -12.05
C LEU D 126 2.83 10.04 -11.05
N VAL D 127 3.88 10.86 -10.97
CA VAL D 127 4.95 10.58 -10.02
C VAL D 127 4.44 10.70 -8.58
N LEU D 128 3.64 11.73 -8.32
CA LEU D 128 3.04 11.89 -6.99
C LEU D 128 2.18 10.68 -6.64
N LYS D 129 1.40 10.24 -7.63
CA LYS D 129 0.52 9.08 -7.41
C LYS D 129 1.32 7.82 -7.14
N VAL D 130 2.36 7.60 -7.96
CA VAL D 130 3.21 6.40 -7.82
C VAL D 130 4.00 6.41 -6.53
N LEU D 131 4.52 7.58 -6.12
CA LEU D 131 5.21 7.65 -4.84
C LEU D 131 4.25 7.86 -3.64
N ALA D 132 2.95 7.94 -3.92
CA ALA D 132 1.94 8.18 -2.88
C ALA D 132 2.27 9.40 -2.00
N PHE D 133 2.82 10.42 -2.66
CA PHE D 133 3.19 11.69 -2.03
C PHE D 133 4.23 11.50 -0.93
N ASP D 134 4.94 10.37 -0.91
CA ASP D 134 5.91 10.23 0.16
C ASP D 134 7.21 10.80 -0.41
N LEU D 135 7.41 12.09 -0.17
CA LEU D 135 8.54 12.81 -0.74
C LEU D 135 9.65 13.09 0.24
N ALA D 136 9.45 12.79 1.52
CA ALA D 136 10.46 13.26 2.45
C ALA D 136 11.37 12.07 2.72
N ALA D 137 12.28 11.85 1.79
CA ALA D 137 13.20 10.71 1.78
C ALA D 137 14.53 11.16 2.34
N PRO D 138 15.17 10.31 3.14
CA PRO D 138 16.56 10.59 3.55
C PRO D 138 17.49 10.49 2.32
N THR D 139 18.55 11.31 2.30
CA THR D 139 19.51 11.32 1.20
C THR D 139 20.92 11.16 1.78
N VAL D 140 21.87 10.81 0.94
CA VAL D 140 23.28 10.81 1.34
C VAL D 140 23.61 12.19 1.93
N ASN D 141 23.02 13.22 1.34
CA ASN D 141 23.31 14.59 1.72
C ASN D 141 22.92 14.88 3.17
N GLN D 142 21.75 14.40 3.57
CA GLN D 142 21.27 14.61 4.93
C GLN D 142 22.17 13.92 5.93
N PHE D 143 22.64 12.71 5.62
CA PHE D 143 23.54 12.02 6.55
C PHE D 143 24.91 12.70 6.61
N LEU D 144 25.38 13.20 5.47
CA LEU D 144 26.67 13.89 5.44
C LEU D 144 26.70 15.08 6.37
N THR D 145 25.65 15.91 6.31
CA THR D 145 25.65 17.12 7.10
C THR D 145 25.64 16.81 8.60
N GLN D 146 25.04 15.70 8.99
CA GLN D 146 25.10 15.29 10.40
C GLN D 146 26.49 14.78 10.75
N TYR D 147 27.09 14.01 9.87
CA TYR D 147 28.43 13.50 10.12
C TYR D 147 29.45 14.66 10.26
N PHE D 148 29.23 15.73 9.51
CA PHE D 148 30.19 16.85 9.49
C PHE D 148 30.35 17.48 10.87
N LEU D 149 29.30 17.38 11.68
CA LEU D 149 29.31 17.94 13.02
C LEU D 149 30.37 17.31 13.91
N HIS D 150 30.87 16.13 13.54
CA HIS D 150 31.85 15.47 14.39
C HIS D 150 33.26 16.02 14.15
N LEU D 151 33.41 16.94 13.19
CA LEU D 151 34.68 17.64 13.01
C LEU D 151 34.67 18.98 13.75
N GLN D 152 35.46 19.06 14.82
CA GLN D 152 35.66 20.32 15.54
C GLN D 152 37.13 20.70 15.55
N PRO D 153 37.49 21.86 14.96
CA PRO D 153 36.65 22.74 14.16
C PRO D 153 36.30 22.13 12.81
N ALA D 154 35.31 22.72 12.14
CA ALA D 154 34.90 22.26 10.83
C ALA D 154 36.07 22.29 9.86
N ASN D 155 36.06 21.38 8.91
CA ASN D 155 37.02 21.44 7.83
C ASN D 155 36.23 21.53 6.53
N CYS D 156 36.23 22.71 5.93
CA CYS D 156 35.35 22.96 4.81
C CYS D 156 35.76 22.17 3.58
N LYS D 157 37.07 21.97 3.42
CA LYS D 157 37.62 21.20 2.32
C LYS D 157 37.16 19.75 2.42
N VAL D 158 37.24 19.17 3.61
CA VAL D 158 36.72 17.83 3.81
C VAL D 158 35.23 17.77 3.50
N GLU D 159 34.48 18.79 3.91
CA GLU D 159 33.04 18.77 3.64
C GLU D 159 32.75 18.80 2.14
N SER D 160 33.41 19.70 1.42
CA SER D 160 33.26 19.81 -0.02
C SER D 160 33.64 18.52 -0.74
N LEU D 161 34.75 17.91 -0.34
CA LEU D 161 35.17 16.66 -0.96
C LEU D 161 34.16 15.54 -0.69
N ALA D 162 33.62 15.48 0.52
CA ALA D 162 32.64 14.45 0.85
C ALA D 162 31.39 14.61 0.02
N MET D 163 30.93 15.86 -0.15
CA MET D 163 29.73 16.11 -0.96
C MET D 163 30.00 15.69 -2.40
N PHE D 164 31.20 15.99 -2.88
CA PHE D 164 31.60 15.60 -4.23
C PHE D 164 31.52 14.09 -4.40
N LEU D 165 32.13 13.36 -3.46
CA LEU D 165 32.13 11.90 -3.57
C LEU D 165 30.71 11.35 -3.47
N GLY D 166 29.92 11.93 -2.57
CA GLY D 166 28.53 11.55 -2.38
C GLY D 166 27.73 11.79 -3.65
N GLU D 167 28.04 12.89 -4.31
CA GLU D 167 27.36 13.20 -5.57
C GLU D 167 27.77 12.24 -6.71
N LEU D 168 29.04 11.85 -6.75
CA LEU D 168 29.49 10.93 -7.79
C LEU D 168 28.72 9.59 -7.70
N SER D 169 28.36 9.20 -6.49
CA SER D 169 27.61 7.96 -6.29
C SER D 169 26.21 7.96 -6.92
N LEU D 170 25.64 9.15 -7.11
CA LEU D 170 24.30 9.25 -7.71
C LEU D 170 24.30 8.80 -9.16
N ILE D 171 25.45 8.91 -9.81
CA ILE D 171 25.53 8.68 -11.25
C ILE D 171 25.46 7.20 -11.62
N ASP D 172 26.04 6.35 -10.78
CA ASP D 172 26.21 4.95 -11.16
C ASP D 172 25.35 4.02 -10.31
N ALA D 173 24.26 3.52 -10.89
CA ALA D 173 23.29 2.72 -10.13
C ALA D 173 23.95 1.42 -9.73
N ASP D 174 24.73 0.88 -10.65
CA ASP D 174 25.64 -0.20 -10.35
C ASP D 174 27.02 0.43 -10.10
N PRO D 175 27.59 0.23 -8.90
CA PRO D 175 27.25 -0.44 -7.65
C PRO D 175 26.31 0.27 -6.63
N TYR D 176 26.14 1.59 -6.71
CA TYR D 176 25.68 2.35 -5.53
C TYR D 176 24.25 2.11 -5.05
N LEU D 177 23.37 1.61 -5.92
CA LEU D 177 22.04 1.24 -5.47
C LEU D 177 22.08 0.14 -4.40
N LYS D 178 23.19 -0.60 -4.32
CA LYS D 178 23.32 -1.66 -3.32
C LYS D 178 23.41 -1.11 -1.89
N TYR D 179 23.83 0.13 -1.74
CA TYR D 179 24.14 0.67 -0.42
C TYR D 179 23.10 1.68 0.04
N LEU D 180 22.78 1.66 1.33
CA LEU D 180 21.94 2.71 1.92
C LEU D 180 22.68 4.05 1.99
N PRO D 181 21.94 5.15 1.86
CA PRO D 181 22.54 6.50 1.92
C PRO D 181 23.45 6.71 3.14
N SER D 182 23.07 6.19 4.31
CA SER D 182 23.86 6.44 5.51
C SER D 182 25.23 5.81 5.36
N LEU D 183 25.27 4.69 4.64
CA LEU D 183 26.52 3.96 4.45
C LEU D 183 27.40 4.65 3.40
N ILE D 184 26.78 5.05 2.29
CA ILE D 184 27.48 5.83 1.28
C ILE D 184 28.06 7.09 1.90
N ALA D 185 27.26 7.77 2.71
CA ALA D 185 27.71 8.98 3.39
C ALA D 185 28.93 8.69 4.25
N GLY D 186 28.95 7.51 4.88
CA GLY D 186 30.03 7.18 5.78
C GLY D 186 31.32 6.96 4.98
N ALA D 187 31.23 6.19 3.90
CA ALA D 187 32.38 5.93 3.06
C ALA D 187 32.92 7.25 2.50
N ALA D 188 32.02 8.10 2.03
CA ALA D 188 32.38 9.40 1.45
C ALA D 188 33.06 10.29 2.48
N PHE D 189 32.50 10.33 3.69
CA PHE D 189 33.08 11.14 4.75
C PHE D 189 34.49 10.65 5.08
N HIS D 190 34.64 9.35 5.32
CA HIS D 190 35.95 8.80 5.62
C HIS D 190 36.96 9.09 4.51
N LEU D 191 36.57 8.76 3.28
CA LEU D 191 37.46 8.93 2.14
C LEU D 191 37.90 10.38 2.02
N ALA D 192 36.98 11.32 2.24
CA ALA D 192 37.32 12.74 2.13
C ALA D 192 38.25 13.17 3.26
N LEU D 193 37.91 12.75 4.48
CA LEU D 193 38.73 13.06 5.65
C LEU D 193 40.15 12.52 5.48
N TYR D 194 40.24 11.31 4.92
CA TYR D 194 41.54 10.65 4.77
C TYR D 194 42.35 11.36 3.69
N THR D 195 41.70 11.69 2.59
CA THR D 195 42.36 12.38 1.49
C THR D 195 42.91 13.73 1.97
N VAL D 196 42.08 14.50 2.65
CA VAL D 196 42.49 15.84 3.06
C VAL D 196 43.41 15.88 4.30
N THR D 197 43.03 15.19 5.36
CA THR D 197 43.83 15.27 6.57
C THR D 197 44.70 14.06 6.86
N GLY D 198 44.52 13.00 6.09
CA GLY D 198 45.13 11.73 6.44
C GLY D 198 44.51 11.02 7.66
N GLN D 199 43.42 11.55 8.20
CA GLN D 199 42.76 10.91 9.35
C GLN D 199 41.68 9.93 8.92
N SER D 200 41.10 9.22 9.88
CA SER D 200 40.14 8.15 9.59
C SER D 200 38.81 8.33 10.34
N TRP D 201 37.82 7.56 9.88
CA TRP D 201 36.46 7.58 10.39
C TRP D 201 36.53 7.53 11.91
N PRO D 202 35.98 8.56 12.57
CA PRO D 202 36.14 8.75 14.01
C PRO D 202 35.26 7.84 14.85
N GLU D 203 35.78 7.44 16.01
CA GLU D 203 35.06 6.54 16.91
C GLU D 203 33.68 7.09 17.24
N SER D 204 33.58 8.41 17.41
CA SER D 204 32.29 9.03 17.73
C SER D 204 31.24 8.74 16.65
N LEU D 205 31.66 8.76 15.39
CA LEU D 205 30.75 8.36 14.31
C LEU D 205 30.50 6.83 14.29
N ALA D 206 31.50 6.05 14.65
CA ALA D 206 31.33 4.61 14.69
C ALA D 206 30.28 4.24 15.73
N GLN D 207 30.31 4.94 16.86
CA GLN D 207 29.36 4.73 17.95
C GLN D 207 27.94 5.14 17.55
N GLN D 208 27.81 6.32 16.98
CA GLN D 208 26.51 6.86 16.62
C GLN D 208 25.83 6.06 15.49
N THR D 209 26.60 5.80 14.44
CA THR D 209 26.09 5.12 13.26
C THR D 209 26.03 3.59 13.38
N GLY D 210 26.88 3.04 14.24
CA GLY D 210 27.06 1.58 14.31
C GLY D 210 27.93 1.01 13.21
N TYR D 211 28.43 1.85 12.32
CA TYR D 211 29.35 1.39 11.27
C TYR D 211 30.80 1.49 11.72
N THR D 212 31.48 0.35 11.84
CA THR D 212 32.92 0.37 12.00
C THR D 212 33.55 0.72 10.65
N LEU D 213 34.82 1.13 10.67
CA LEU D 213 35.54 1.38 9.43
C LEU D 213 35.49 0.14 8.53
N GLU D 214 35.61 -1.03 9.15
CA GLU D 214 35.55 -2.32 8.47
C GLU D 214 34.27 -2.47 7.66
N SER D 215 33.13 -2.20 8.29
CA SER D 215 31.83 -2.32 7.63
C SER D 215 31.64 -1.31 6.50
N LEU D 216 32.43 -0.23 6.51
CA LEU D 216 32.45 0.72 5.40
C LEU D 216 33.25 0.23 4.20
N LYS D 217 34.11 -0.76 4.43
CA LYS D 217 35.06 -1.20 3.42
C LYS D 217 34.49 -1.47 2.02
N PRO D 218 33.47 -2.34 1.91
CA PRO D 218 33.05 -2.71 0.56
C PRO D 218 32.59 -1.49 -0.22
N CYS D 219 31.83 -0.61 0.42
CA CYS D 219 31.39 0.62 -0.22
C CYS D 219 32.59 1.51 -0.52
N LEU D 220 33.53 1.54 0.42
CA LEU D 220 34.72 2.37 0.33
C LEU D 220 35.60 1.92 -0.84
N VAL D 221 35.71 0.61 -1.05
CA VAL D 221 36.47 0.09 -2.19
C VAL D 221 35.89 0.62 -3.50
N ASP D 222 34.56 0.67 -3.58
CA ASP D 222 33.89 1.13 -4.78
C ASP D 222 34.10 2.62 -4.98
N LEU D 223 33.94 3.37 -3.90
CA LEU D 223 33.99 4.82 -3.95
C LEU D 223 35.39 5.30 -4.29
N HIS D 224 36.39 4.58 -3.80
CA HIS D 224 37.77 4.89 -4.11
C HIS D 224 38.04 4.68 -5.61
N GLN D 225 37.56 3.58 -6.15
CA GLN D 225 37.72 3.33 -7.59
C GLN D 225 37.03 4.41 -8.41
N THR D 226 35.81 4.73 -8.02
CA THR D 226 35.02 5.76 -8.69
C THR D 226 35.80 7.07 -8.69
N TYR D 227 36.35 7.40 -7.53
CA TYR D 227 37.17 8.60 -7.34
C TYR D 227 38.39 8.59 -8.27
N LEU D 228 39.18 7.53 -8.22
CA LEU D 228 40.35 7.42 -9.11
C LEU D 228 40.01 7.56 -10.60
N LYS D 229 38.85 7.03 -11.00
CA LYS D 229 38.51 6.99 -12.44
C LYS D 229 37.63 8.16 -12.90
N ALA D 230 37.32 9.07 -11.99
CA ALA D 230 36.39 10.16 -12.29
C ALA D 230 36.75 11.01 -13.54
N PRO D 231 38.05 11.32 -13.73
CA PRO D 231 38.44 12.11 -14.91
C PRO D 231 38.20 11.34 -16.22
N GLN D 232 38.08 10.02 -16.13
CA GLN D 232 37.83 9.21 -17.33
C GLN D 232 36.36 8.88 -17.60
N HIS D 233 35.48 9.17 -16.64
CA HIS D 233 34.08 8.77 -16.72
C HIS D 233 33.39 9.51 -17.86
N ALA D 234 32.49 8.84 -18.58
CA ALA D 234 31.71 9.54 -19.60
C ALA D 234 30.93 10.77 -19.07
N GLN D 235 30.44 10.74 -17.82
CA GLN D 235 29.70 11.86 -17.26
C GLN D 235 30.62 12.80 -16.45
N GLN D 236 30.70 14.05 -16.90
CA GLN D 236 31.64 15.02 -16.33
C GLN D 236 31.09 16.20 -15.50
N SER D 237 29.77 16.31 -15.37
CA SER D 237 29.18 17.53 -14.82
C SER D 237 29.51 17.76 -13.35
N ILE D 238 29.62 16.68 -12.59
CA ILE D 238 29.93 16.81 -11.18
C ILE D 238 31.36 17.30 -10.98
N ARG D 239 32.33 16.74 -11.73
CA ARG D 239 33.70 17.25 -11.64
C ARG D 239 33.78 18.71 -12.01
N GLU D 240 33.11 19.11 -13.09
CA GLU D 240 33.12 20.52 -13.48
C GLU D 240 32.53 21.39 -12.36
N LYS D 241 31.45 20.94 -11.75
CA LYS D 241 30.80 21.69 -10.69
C LYS D 241 31.77 21.90 -9.50
N TYR D 242 32.45 20.84 -9.10
CA TYR D 242 33.33 20.89 -7.93
C TYR D 242 34.75 21.44 -8.19
N LYS D 243 35.01 21.90 -9.41
CA LYS D 243 36.26 22.63 -9.68
C LYS D 243 36.17 24.05 -9.16
N HIS D 244 34.95 24.50 -8.89
CA HIS D 244 34.71 25.88 -8.51
C HIS D 244 35.27 26.16 -7.11
N SER D 245 35.68 27.39 -6.86
CA SER D 245 36.23 27.80 -5.56
C SER D 245 35.25 27.66 -4.39
N LYS D 246 33.96 27.88 -4.65
CA LYS D 246 32.94 27.71 -3.60
C LYS D 246 32.98 26.29 -3.02
N TYR D 247 33.45 25.34 -3.83
CA TYR D 247 33.73 23.98 -3.39
C TYR D 247 35.20 23.72 -3.07
N HIS D 248 35.99 24.78 -3.02
CA HIS D 248 37.42 24.67 -2.74
C HIS D 248 38.12 23.86 -3.83
N SER D 249 37.53 23.84 -5.02
CA SER D 249 38.06 23.13 -6.17
C SER D 249 38.47 21.71 -5.80
N VAL D 250 37.66 21.03 -4.99
CA VAL D 250 38.06 19.70 -4.51
C VAL D 250 38.18 18.66 -5.62
N SER D 251 37.48 18.86 -6.73
CA SER D 251 37.52 17.89 -7.81
C SER D 251 38.89 17.87 -8.49
N LEU D 252 39.71 18.88 -8.20
CA LEU D 252 41.08 18.92 -8.73
C LEU D 252 42.08 18.23 -7.81
N LEU D 253 41.65 17.84 -6.61
CA LEU D 253 42.56 17.15 -5.69
C LEU D 253 42.84 15.75 -6.21
N ASN D 254 44.07 15.29 -6.05
CA ASN D 254 44.43 13.94 -6.45
C ASN D 254 43.99 12.93 -5.40
N PRO D 255 43.32 11.85 -5.83
CA PRO D 255 42.87 10.85 -4.87
C PRO D 255 44.08 10.19 -4.25
N PRO D 256 43.94 9.63 -3.04
CA PRO D 256 45.06 8.82 -2.53
C PRO D 256 45.18 7.59 -3.42
N GLU D 257 46.39 7.12 -3.68
CA GLU D 257 46.59 5.97 -4.54
C GLU D 257 46.12 4.68 -3.88
N THR D 258 46.33 4.58 -2.58
CA THR D 258 45.90 3.39 -1.84
C THR D 258 45.13 3.81 -0.61
N LEU D 259 44.30 2.90 -0.12
CA LEU D 259 43.61 3.11 1.15
C LEU D 259 44.41 2.44 2.25
N SER D 260 44.65 3.15 3.34
CA SER D 260 45.19 2.49 4.51
C SER D 260 43.99 1.79 5.12
N VAL D 261 44.04 0.46 5.17
CA VAL D 261 42.84 -0.32 5.46
C VAL D 261 43.15 -1.82 5.38
N PRO E 1 -14.23 -21.43 -31.01
CA PRO E 1 -14.52 -21.94 -29.66
C PRO E 1 -14.78 -20.82 -28.63
N LYS E 2 -16.03 -20.63 -28.25
CA LYS E 2 -16.40 -19.60 -27.28
C LYS E 2 -16.59 -20.10 -25.85
N THR E 3 -16.01 -19.38 -24.90
CA THR E 3 -16.13 -19.67 -23.47
C THR E 3 -17.60 -19.75 -23.05
N PRO E 4 -17.95 -20.78 -22.27
CA PRO E 4 -19.35 -21.04 -21.89
C PRO E 4 -19.89 -20.10 -20.80
N LYS E 5 -21.20 -19.88 -20.82
CA LYS E 5 -21.86 -19.04 -19.83
C LYS E 5 -22.56 -19.89 -18.78
N LYS E 6 -22.56 -19.40 -17.55
CA LYS E 6 -23.21 -20.07 -16.44
C LYS E 6 -24.70 -20.26 -16.79
N ALA E 7 -25.19 -21.50 -16.67
CA ALA E 7 -26.60 -21.76 -16.93
C ALA E 7 -27.47 -21.00 -15.93
N LYS E 8 -28.64 -20.56 -16.38
CA LYS E 8 -29.57 -19.84 -15.52
C LYS E 8 -30.07 -20.72 -14.36
N LYS E 9 -30.18 -20.13 -13.17
CA LYS E 9 -30.63 -20.84 -11.97
C LYS E 9 -32.05 -21.42 -12.10
N LEU E 10 -32.21 -22.69 -11.70
CA LEU E 10 -33.50 -23.38 -11.59
C LEU E 10 -33.77 -24.41 -12.70
N PRO F 1 -5.18 37.57 12.78
CA PRO F 1 -3.81 37.15 12.44
C PRO F 1 -3.74 36.21 11.22
N LYS F 2 -3.15 36.68 10.12
CA LYS F 2 -3.05 35.86 8.90
C LYS F 2 -1.64 35.33 8.56
N THR F 3 -1.60 34.05 8.20
CA THR F 3 -0.37 33.38 7.79
C THR F 3 0.34 34.13 6.67
N PRO F 4 1.64 34.43 6.84
CA PRO F 4 2.36 35.26 5.86
C PRO F 4 2.64 34.49 4.56
N LYS F 5 2.81 35.22 3.46
CA LYS F 5 3.13 34.62 2.18
C LYS F 5 4.62 34.80 1.86
N LYS F 6 5.19 33.80 1.20
CA LYS F 6 6.58 33.87 0.76
C LYS F 6 6.76 35.15 -0.08
N ALA F 7 7.78 35.94 0.24
CA ALA F 7 8.06 37.13 -0.56
C ALA F 7 8.46 36.76 -1.99
N LYS F 8 8.20 37.65 -2.94
CA LYS F 8 8.62 37.40 -4.33
C LYS F 8 10.14 37.30 -4.43
N LYS F 9 10.61 36.41 -5.29
CA LYS F 9 12.05 36.24 -5.52
C LYS F 9 12.66 37.52 -6.13
N LEU F 10 13.83 37.90 -5.59
CA LEU F 10 14.61 39.06 -6.05
C LEU F 10 14.67 40.17 -5.00
N ALA G 7 -36.57 -10.30 6.32
CA ALA G 7 -36.24 -8.90 6.09
C ALA G 7 -36.15 -8.14 7.42
N LYS G 8 -34.96 -7.67 7.76
CA LYS G 8 -34.71 -7.03 9.05
C LYS G 8 -33.80 -5.80 8.97
N LYS G 9 -34.24 -4.68 9.54
CA LYS G 9 -33.38 -3.53 9.75
C LYS G 9 -32.72 -3.68 11.11
N LEU G 10 -31.38 -3.67 11.14
CA LEU G 10 -30.66 -3.91 12.39
C LEU G 10 -30.65 -2.68 13.30
N ALA H 7 19.56 24.52 -22.36
CA ALA H 7 18.42 23.81 -22.93
C ALA H 7 18.88 22.61 -23.76
N LYS H 8 18.55 21.40 -23.30
CA LYS H 8 19.02 20.17 -23.94
C LYS H 8 17.95 19.07 -24.00
N LYS H 9 17.72 18.52 -25.19
CA LYS H 9 16.95 17.29 -25.34
C LYS H 9 17.90 16.12 -25.21
N LEU H 10 17.63 15.22 -24.26
CA LEU H 10 18.54 14.07 -24.04
C LEU H 10 18.39 12.98 -25.10
#